data_7LOZ
#
_entry.id   7LOZ
#
_cell.length_a   122.600
_cell.length_b   122.600
_cell.length_c   288.835
_cell.angle_alpha   90.000
_cell.angle_beta   90.000
_cell.angle_gamma   120.000
#
_symmetry.space_group_name_H-M   'P 61 2 2'
#
loop_
_entity.id
_entity.type
_entity.pdbx_description
1 polymer 'S-adenosylmethionine synthase'
2 non-polymer 'PYROPHOSPHATE 2-'
3 non-polymer 'PHOSPHATE ION'
4 non-polymer 'MAGNESIUM ION'
5 non-polymer 1,2-ETHANEDIOL
6 water water
#
_entity_poly.entity_id   1
_entity_poly.type   'polypeptide(L)'
_entity_poly.pdbx_seq_one_letter_code
;GLVPRGSHMAKHLFTSESVSEGHPDKIADQISDAVLDAILEQDPKARVACETYVKTGMVLVGGEITTSAWVDIEEITRNT
VREIGYVHSDMGFDANSCAVLSAIGKQSPDINQGVDRADPLEQGAGDQGLMFGYATNETDVLMPAPITYAHRLVQRQAEV
RKNGTLPWLRPDAKSQVTFQYDDGKIVGIDAVVLSTQHSEEIDQKSLQEAVMEEIIKPILPAEWLTSATKFFINPTGRFV
IGGPMGDCGLTGRKIIVDTYGGMARHGGGAFSGKDPSKVDRSAAYAARYVAKNIVAAGLADRCEIQVSYAIGVAEPTSIM
VETFGTEKVPSEQLTLLVREFFDLRPYGLIQMLDLLHPIYKETAAYGHFGREHFPWEKTDKAQLLRDAAGLK
;
_entity_poly.pdbx_strand_id   A,B
#
loop_
_chem_comp.id
_chem_comp.type
_chem_comp.name
_chem_comp.formula
EDO non-polymer 1,2-ETHANEDIOL 'C2 H6 O2'
MG non-polymer 'MAGNESIUM ION' 'Mg 2'
PO4 non-polymer 'PHOSPHATE ION' 'O4 P -3'
POP non-polymer 'PYROPHOSPHATE 2-' 'H2 O7 P2 -2'
#
# COMPACT_ATOMS: atom_id res chain seq x y z
N HIS A 12 -19.17 -14.69 -6.69
CA HIS A 12 -18.80 -13.51 -5.92
C HIS A 12 -18.51 -12.27 -6.79
N LEU A 13 -18.33 -11.13 -6.15
CA LEU A 13 -17.96 -9.89 -6.82
C LEU A 13 -16.56 -9.49 -6.39
N PHE A 14 -15.81 -8.90 -7.32
CA PHE A 14 -14.51 -8.31 -6.99
C PHE A 14 -14.39 -6.95 -7.68
N THR A 15 -13.82 -5.98 -6.97
CA THR A 15 -13.77 -4.59 -7.40
C THR A 15 -12.35 -4.06 -7.35
N SER A 16 -11.96 -3.29 -8.36
CA SER A 16 -10.66 -2.61 -8.39
C SER A 16 -10.85 -1.21 -8.99
N GLU A 17 -9.91 -0.31 -8.68
CA GLU A 17 -9.97 1.07 -9.15
C GLU A 17 -8.67 1.47 -9.83
N SER A 18 -8.74 2.59 -10.56
CA SER A 18 -7.56 3.24 -11.09
C SER A 18 -7.78 4.75 -11.13
N VAL A 19 -6.69 5.48 -11.36
CA VAL A 19 -6.74 6.94 -11.43
C VAL A 19 -5.92 7.41 -12.64
N SER A 20 -6.30 8.56 -13.17
CA SER A 20 -5.64 9.11 -14.33
C SER A 20 -4.31 9.75 -13.95
N GLU A 21 -3.57 10.16 -15.00
CA GLU A 21 -2.29 10.82 -14.81
C GLU A 21 -2.44 12.21 -14.18
N GLY A 22 -3.66 12.74 -14.09
CA GLY A 22 -3.93 14.02 -13.48
C GLY A 22 -4.33 13.94 -12.03
N HIS A 23 -4.49 12.75 -11.49
CA HIS A 23 -4.79 12.60 -10.08
C HIS A 23 -3.58 12.99 -9.25
N PRO A 24 -3.74 13.80 -8.19
CA PRO A 24 -2.57 14.37 -7.52
C PRO A 24 -1.56 13.35 -6.98
N ASP A 25 -2.01 12.19 -6.52
CA ASP A 25 -1.05 11.19 -6.08
C ASP A 25 -0.23 10.68 -7.27
N LYS A 26 -0.87 10.55 -8.43
CA LYS A 26 -0.15 10.09 -9.61
C LYS A 26 0.74 11.17 -10.20
N ILE A 27 0.34 12.45 -10.08
CA ILE A 27 1.27 13.54 -10.43
C ILE A 27 2.55 13.41 -9.64
N ALA A 28 2.44 13.19 -8.32
CA ALA A 28 3.65 13.00 -7.52
C ALA A 28 4.45 11.80 -8.02
N ASP A 29 3.78 10.66 -8.29
CA ASP A 29 4.51 9.48 -8.78
C ASP A 29 5.25 9.78 -10.08
N GLN A 30 4.61 10.51 -11.01
CA GLN A 30 5.23 10.76 -12.30
C GLN A 30 6.41 11.73 -12.17
N ILE A 31 6.31 12.74 -11.30
CA ILE A 31 7.44 13.65 -11.08
C ILE A 31 8.62 12.90 -10.49
N SER A 32 8.37 12.05 -9.48
CA SER A 32 9.44 11.23 -8.90
C SER A 32 10.15 10.39 -9.96
N ASP A 33 9.39 9.71 -10.82
CA ASP A 33 10.05 8.88 -11.83
C ASP A 33 10.59 9.69 -13.01
N ALA A 34 10.07 10.89 -13.26
CA ALA A 34 10.70 11.73 -14.28
C ALA A 34 12.07 12.20 -13.81
N VAL A 35 12.20 12.53 -12.52
CA VAL A 35 13.50 12.83 -11.95
C VAL A 35 14.41 11.62 -12.04
N LEU A 36 13.88 10.43 -11.73
CA LEU A 36 14.68 9.21 -11.82
C LEU A 36 15.18 8.99 -13.24
N ASP A 37 14.31 9.18 -14.24
CA ASP A 37 14.68 8.95 -15.63
C ASP A 37 15.78 9.92 -16.08
N ALA A 38 15.62 11.20 -15.76
CA ALA A 38 16.62 12.19 -16.16
C ALA A 38 17.98 11.89 -15.57
N ILE A 39 18.00 11.34 -14.35
CA ILE A 39 19.25 10.98 -13.70
C ILE A 39 19.84 9.72 -14.34
N LEU A 40 19.02 8.70 -14.60
CA LEU A 40 19.53 7.46 -15.16
C LEU A 40 20.07 7.67 -16.57
N GLU A 41 19.54 8.67 -17.28
CA GLU A 41 20.01 8.95 -18.63
C GLU A 41 21.50 9.31 -18.65
N GLN A 42 21.99 10.00 -17.62
CA GLN A 42 23.41 10.30 -17.54
C GLN A 42 24.19 9.30 -16.68
N ASP A 43 23.57 8.73 -15.65
CA ASP A 43 24.29 7.98 -14.63
C ASP A 43 23.46 6.74 -14.32
N PRO A 44 23.64 5.67 -15.11
CA PRO A 44 22.77 4.50 -14.95
C PRO A 44 22.95 3.77 -13.63
N LYS A 45 24.04 3.99 -12.91
CA LYS A 45 24.24 3.33 -11.62
C LYS A 45 23.83 4.22 -10.44
N ALA A 46 23.11 5.31 -10.72
CA ALA A 46 22.71 6.26 -9.68
C ALA A 46 21.89 5.58 -8.60
N ARG A 47 22.01 6.12 -7.37
CA ARG A 47 21.10 5.79 -6.29
C ARG A 47 20.12 6.94 -6.13
N VAL A 48 18.82 6.63 -6.26
CA VAL A 48 17.78 7.63 -6.24
C VAL A 48 16.66 7.15 -5.32
N ALA A 49 16.23 8.03 -4.39
CA ALA A 49 15.07 7.78 -3.54
C ALA A 49 14.29 9.09 -3.44
N CYS A 50 13.45 9.35 -4.44
CA CYS A 50 12.82 10.66 -4.63
C CYS A 50 11.35 10.65 -4.24
N GLU A 51 10.98 11.49 -3.26
CA GLU A 51 9.61 11.60 -2.76
C GLU A 51 9.05 12.97 -3.13
N THR A 52 7.85 12.99 -3.71
CA THR A 52 7.24 14.24 -4.16
C THR A 52 5.93 14.50 -3.41
N TYR A 53 5.68 15.77 -3.13
CA TYR A 53 4.51 16.24 -2.40
C TYR A 53 3.91 17.40 -3.19
N VAL A 54 2.68 17.26 -3.66
CA VAL A 54 2.03 18.30 -4.44
C VAL A 54 0.76 18.74 -3.72
N LYS A 55 0.55 20.06 -3.69
CA LYS A 55 -0.68 20.67 -3.19
C LYS A 55 -0.78 22.03 -3.87
N THR A 56 -2.01 22.57 -3.92
CA THR A 56 -2.31 23.86 -4.53
C THR A 56 -1.10 24.80 -4.60
N GLY A 57 -0.55 25.03 -5.79
CA GLY A 57 0.48 26.03 -5.99
C GLY A 57 1.92 25.55 -5.95
N MET A 58 2.19 24.36 -5.44
CA MET A 58 3.58 24.01 -5.16
C MET A 58 3.82 22.53 -5.38
N VAL A 59 5.06 22.22 -5.77
CA VAL A 59 5.61 20.89 -5.77
C VAL A 59 6.83 20.91 -4.87
N LEU A 60 6.86 20.02 -3.89
CA LEU A 60 8.05 19.80 -3.09
C LEU A 60 8.64 18.46 -3.49
N VAL A 61 9.89 18.48 -3.94
CA VAL A 61 10.61 17.28 -4.36
C VAL A 61 11.70 17.03 -3.33
N GLY A 62 11.61 15.90 -2.63
CA GLY A 62 12.57 15.59 -1.59
C GLY A 62 13.17 14.21 -1.74
N GLY A 63 13.97 13.80 -0.76
CA GLY A 63 14.58 12.49 -0.82
C GLY A 63 16.09 12.52 -0.77
N GLU A 64 16.71 11.40 -1.15
CA GLU A 64 18.16 11.26 -1.08
C GLU A 64 18.65 10.76 -2.43
N ILE A 65 19.75 11.34 -2.92
CA ILE A 65 20.24 11.02 -4.26
C ILE A 65 21.77 10.99 -4.23
N THR A 66 22.35 9.94 -4.82
CA THR A 66 23.80 9.81 -4.98
C THR A 66 24.07 9.55 -6.46
N THR A 67 24.61 10.54 -7.15
CA THR A 67 24.76 10.43 -8.59
C THR A 67 25.81 11.42 -9.07
N SER A 68 26.45 11.09 -10.19
CA SER A 68 27.28 12.05 -10.89
C SER A 68 26.47 12.90 -11.86
N ALA A 69 25.19 12.60 -12.03
CA ALA A 69 24.35 13.32 -12.98
C ALA A 69 24.08 14.75 -12.53
N TRP A 70 23.83 15.61 -13.52
CA TRP A 70 23.49 17.01 -13.31
C TRP A 70 22.13 17.25 -13.97
N VAL A 71 21.07 17.36 -13.17
CA VAL A 71 19.72 17.53 -13.71
C VAL A 71 19.09 18.77 -13.12
N ASP A 72 18.13 19.32 -13.87
CA ASP A 72 17.36 20.51 -13.47
C ASP A 72 16.01 20.06 -12.92
N ILE A 73 15.88 20.04 -11.59
CA ILE A 73 14.66 19.54 -10.96
C ILE A 73 13.45 20.37 -11.39
N GLU A 74 13.61 21.70 -11.42
CA GLU A 74 12.50 22.58 -11.78
C GLU A 74 11.96 22.26 -13.16
N GLU A 75 12.85 22.16 -14.15
CA GLU A 75 12.41 21.94 -15.52
C GLU A 75 11.81 20.55 -15.70
N ILE A 76 12.41 19.53 -15.07
CA ILE A 76 11.83 18.18 -15.14
C ILE A 76 10.42 18.19 -14.58
N THR A 77 10.19 18.95 -13.52
CA THR A 77 8.87 18.98 -12.88
C THR A 77 7.86 19.72 -13.73
N ARG A 78 8.24 20.88 -14.25
CA ARG A 78 7.33 21.67 -15.07
C ARG A 78 6.95 20.91 -16.33
N ASN A 79 7.94 20.26 -16.97
CA ASN A 79 7.67 19.51 -18.20
C ASN A 79 6.74 18.34 -17.93
N THR A 80 6.94 17.63 -16.81
CA THR A 80 6.06 16.53 -16.46
C THR A 80 4.62 17.02 -16.30
N VAL A 81 4.44 18.11 -15.55
CA VAL A 81 3.09 18.62 -15.31
C VAL A 81 2.50 19.20 -16.59
N ARG A 82 3.32 19.78 -17.47
CA ARG A 82 2.84 20.21 -18.79
C ARG A 82 2.32 19.02 -19.60
N GLU A 83 3.06 17.92 -19.61
CA GLU A 83 2.61 16.75 -20.36
C GLU A 83 1.29 16.22 -19.81
N ILE A 84 1.13 16.27 -18.49
CA ILE A 84 -0.12 15.83 -17.86
C ILE A 84 -1.27 16.72 -18.27
N GLY A 85 -1.03 18.02 -18.38
CA GLY A 85 -2.06 18.89 -18.93
C GLY A 85 -2.52 20.01 -18.03
N TYR A 86 -1.88 20.17 -16.87
CA TYR A 86 -2.20 21.29 -15.99
C TYR A 86 -1.37 22.50 -16.42
N VAL A 87 -1.98 23.38 -17.23
CA VAL A 87 -1.26 24.49 -17.87
C VAL A 87 -2.02 25.80 -17.76
N HIS A 88 -2.93 25.91 -16.79
CA HIS A 88 -3.80 27.09 -16.71
C HIS A 88 -4.44 27.15 -15.34
N SER A 89 -4.48 28.36 -14.75
CA SER A 89 -5.09 28.52 -13.43
C SER A 89 -6.57 28.15 -13.43
N ASP A 90 -7.26 28.28 -14.57
CA ASP A 90 -8.65 27.81 -14.65
C ASP A 90 -8.78 26.35 -14.25
N MET A 91 -7.74 25.54 -14.47
CA MET A 91 -7.77 24.13 -14.06
C MET A 91 -7.39 23.93 -12.61
N GLY A 92 -7.00 24.99 -11.91
CA GLY A 92 -6.58 24.86 -10.52
C GLY A 92 -5.10 24.61 -10.32
N PHE A 93 -4.32 24.44 -11.40
CA PHE A 93 -2.90 24.19 -11.28
C PHE A 93 -2.23 24.51 -12.62
N ASP A 94 -1.02 25.10 -12.58
CA ASP A 94 -0.35 25.54 -13.79
C ASP A 94 1.14 25.23 -13.71
N ALA A 95 1.60 24.34 -14.61
CA ALA A 95 3.01 23.93 -14.61
C ALA A 95 3.95 25.11 -14.82
N ASN A 96 3.48 26.17 -15.47
CA ASN A 96 4.36 27.28 -15.81
C ASN A 96 4.57 28.24 -14.67
N SER A 97 3.74 28.18 -13.63
CA SER A 97 3.75 29.19 -12.59
C SER A 97 3.65 28.62 -11.17
N CYS A 98 3.58 27.30 -11.01
CA CYS A 98 3.60 26.73 -9.68
C CYS A 98 4.98 26.85 -9.05
N ALA A 99 5.07 26.72 -7.74
CA ALA A 99 6.38 26.68 -7.11
C ALA A 99 6.95 25.26 -7.16
N VAL A 100 8.26 25.18 -7.38
CA VAL A 100 9.00 23.93 -7.22
C VAL A 100 10.07 24.15 -6.16
N LEU A 101 10.02 23.37 -5.09
CA LEU A 101 11.05 23.41 -4.05
C LEU A 101 11.76 22.07 -4.00
N SER A 102 13.06 22.10 -3.70
CA SER A 102 13.84 20.89 -3.48
C SER A 102 14.27 20.79 -2.03
N ALA A 103 14.14 19.59 -1.49
CA ALA A 103 14.69 19.19 -0.21
C ALA A 103 15.43 17.87 -0.37
N ILE A 104 16.24 17.77 -1.43
CA ILE A 104 16.94 16.54 -1.77
C ILE A 104 18.32 16.56 -1.13
N GLY A 105 18.62 15.54 -0.32
CA GLY A 105 19.91 15.40 0.30
C GLY A 105 20.73 14.27 -0.29
N LYS A 106 21.71 13.81 0.49
CA LYS A 106 22.50 12.65 0.13
C LYS A 106 22.01 11.42 0.89
N GLN A 107 22.31 10.25 0.33
CA GLN A 107 21.97 9.00 1.00
C GLN A 107 22.84 8.84 2.24
N SER A 108 22.24 8.30 3.31
CA SER A 108 22.77 8.23 4.67
C SER A 108 24.28 7.96 4.70
N PRO A 109 25.06 8.81 5.39
CA PRO A 109 26.51 8.63 5.56
C PRO A 109 26.88 7.29 6.20
N VAL A 115 29.49 -3.08 3.00
CA VAL A 115 30.73 -3.29 2.25
C VAL A 115 30.41 -3.94 0.89
N ASP A 116 31.36 -3.86 -0.03
CA ASP A 116 31.12 -4.29 -1.40
C ASP A 116 31.59 -5.72 -1.65
N ARG A 117 31.51 -6.13 -2.90
CA ARG A 117 31.65 -7.53 -3.28
C ARG A 117 32.52 -7.60 -4.53
N ALA A 118 33.34 -8.65 -4.60
CA ALA A 118 34.06 -8.93 -5.84
C ALA A 118 33.09 -9.09 -7.01
N ASP A 119 31.98 -9.80 -6.79
CA ASP A 119 30.95 -9.92 -7.81
C ASP A 119 29.74 -9.06 -7.44
N PRO A 120 29.45 -8.00 -8.21
CA PRO A 120 28.24 -7.19 -7.93
C PRO A 120 26.95 -7.98 -7.86
N LEU A 121 26.87 -9.13 -8.54
CA LEU A 121 25.69 -9.98 -8.46
C LEU A 121 25.46 -10.49 -7.05
N GLU A 122 26.48 -10.47 -6.20
CA GLU A 122 26.40 -10.98 -4.84
C GLU A 122 26.18 -9.87 -3.79
N GLN A 123 25.91 -8.64 -4.24
CA GLN A 123 25.53 -7.56 -3.32
C GLN A 123 24.33 -7.95 -2.48
N GLY A 124 24.42 -7.70 -1.16
CA GLY A 124 23.28 -7.89 -0.29
C GLY A 124 22.15 -6.91 -0.58
N ALA A 125 20.94 -7.30 -0.20
CA ALA A 125 19.78 -6.42 -0.33
C ALA A 125 20.00 -5.11 0.41
N GLY A 126 19.55 -4.01 -0.20
CA GLY A 126 19.68 -2.72 0.44
C GLY A 126 18.71 -2.47 1.58
N ASP A 127 17.67 -3.29 1.69
CA ASP A 127 16.71 -3.22 2.79
C ASP A 127 16.07 -4.59 2.92
N GLN A 128 15.43 -4.82 4.06
CA GLN A 128 14.54 -5.96 4.20
C GLN A 128 13.22 -5.66 3.47
N GLY A 129 12.38 -6.67 3.34
CA GLY A 129 11.02 -6.45 2.88
C GLY A 129 10.45 -7.69 2.21
N LEU A 130 9.18 -7.60 1.86
CA LEU A 130 8.47 -8.69 1.17
C LEU A 130 7.80 -8.11 -0.06
N MET A 131 7.73 -8.92 -1.12
CA MET A 131 7.14 -8.47 -2.37
C MET A 131 6.37 -9.62 -3.00
N PHE A 132 5.37 -9.28 -3.82
CA PHE A 132 4.52 -10.26 -4.46
C PHE A 132 4.47 -10.00 -5.95
N GLY A 133 4.35 -11.10 -6.71
CA GLY A 133 4.00 -11.03 -8.10
C GLY A 133 2.78 -11.90 -8.35
N TYR A 134 2.05 -11.58 -9.41
CA TYR A 134 0.79 -12.24 -9.70
C TYR A 134 0.58 -12.32 -11.20
N ALA A 135 -0.08 -13.39 -11.65
CA ALA A 135 -0.53 -13.51 -13.04
C ALA A 135 -1.75 -14.42 -13.07
N THR A 136 -2.58 -14.22 -14.10
CA THR A 136 -3.78 -15.04 -14.29
C THR A 136 -4.14 -15.03 -15.77
N ASN A 137 -4.60 -16.18 -16.28
CA ASN A 137 -4.92 -16.24 -17.71
C ASN A 137 -6.32 -15.73 -18.05
N GLU A 138 -6.96 -14.91 -17.20
CA GLU A 138 -8.31 -14.43 -17.49
C GLU A 138 -8.34 -13.23 -18.44
N THR A 139 -7.19 -12.63 -18.75
CA THR A 139 -7.09 -11.60 -19.78
C THR A 139 -5.91 -11.95 -20.69
N ASP A 140 -5.82 -11.22 -21.81
CA ASP A 140 -4.73 -11.41 -22.76
C ASP A 140 -3.37 -11.14 -22.14
N VAL A 141 -3.26 -10.07 -21.35
CA VAL A 141 -2.00 -9.60 -20.80
C VAL A 141 -1.71 -10.29 -19.45
N LEU A 142 -2.46 -11.36 -19.19
CA LEU A 142 -2.26 -12.21 -18.01
C LEU A 142 -2.40 -11.44 -16.70
N MET A 143 -3.30 -10.46 -16.68
CA MET A 143 -3.60 -9.61 -15.53
C MET A 143 -5.05 -9.84 -15.07
N PRO A 144 -5.35 -9.55 -13.81
CA PRO A 144 -6.76 -9.61 -13.38
C PRO A 144 -7.58 -8.60 -14.16
N ALA A 145 -8.78 -9.03 -14.57
CA ALA A 145 -9.68 -8.18 -15.34
C ALA A 145 -10.02 -6.87 -14.65
N PRO A 146 -10.37 -6.83 -13.37
CA PRO A 146 -10.84 -5.56 -12.79
C PRO A 146 -9.82 -4.43 -12.89
N ILE A 147 -8.57 -4.66 -12.45
CA ILE A 147 -7.58 -3.59 -12.55
C ILE A 147 -7.28 -3.28 -14.02
N THR A 148 -7.30 -4.29 -14.88
CA THR A 148 -6.95 -4.10 -16.28
C THR A 148 -7.90 -3.11 -16.96
N TYR A 149 -9.20 -3.33 -16.81
CA TYR A 149 -10.16 -2.46 -17.47
C TYR A 149 -10.35 -1.14 -16.72
N ALA A 150 -10.15 -1.11 -15.40
CA ALA A 150 -10.10 0.18 -14.71
C ALA A 150 -8.98 1.05 -15.29
N HIS A 151 -7.79 0.49 -15.47
CA HIS A 151 -6.68 1.22 -16.09
C HIS A 151 -7.07 1.73 -17.48
N ARG A 152 -7.68 0.87 -18.29
CA ARG A 152 -8.00 1.25 -19.66
C ARG A 152 -9.06 2.36 -19.71
N LEU A 153 -9.95 2.42 -18.72
CA LEU A 153 -10.95 3.50 -18.71
C LEU A 153 -10.28 4.86 -18.50
N VAL A 154 -9.42 4.99 -17.49
CA VAL A 154 -8.78 6.29 -17.26
C VAL A 154 -7.74 6.58 -18.35
N GLN A 155 -7.10 5.56 -18.91
CA GLN A 155 -6.19 5.82 -20.01
C GLN A 155 -6.94 6.31 -21.24
N ARG A 156 -8.14 5.77 -21.48
CA ARG A 156 -8.98 6.24 -22.57
C ARG A 156 -9.46 7.67 -22.32
N GLN A 157 -9.81 7.99 -21.08
CA GLN A 157 -10.17 9.36 -20.75
C GLN A 157 -9.06 10.35 -21.11
N ALA A 158 -7.81 9.98 -20.82
CA ALA A 158 -6.70 10.87 -21.12
C ALA A 158 -6.43 10.94 -22.62
N GLU A 159 -6.52 9.79 -23.30
CA GLU A 159 -6.34 9.74 -24.75
C GLU A 159 -7.38 10.59 -25.47
N VAL A 160 -8.63 10.54 -24.99
CA VAL A 160 -9.68 11.29 -25.66
C VAL A 160 -9.64 12.77 -25.26
N ARG A 161 -9.11 13.08 -24.07
CA ARG A 161 -8.88 14.47 -23.70
C ARG A 161 -7.75 15.09 -24.52
N LYS A 162 -6.66 14.34 -24.75
CA LYS A 162 -5.47 14.91 -25.38
C LYS A 162 -5.57 15.04 -26.90
N ASN A 163 -6.28 14.13 -27.57
CA ASN A 163 -6.39 14.21 -29.02
C ASN A 163 -7.53 15.12 -29.48
N GLY A 164 -8.21 15.80 -28.56
CA GLY A 164 -9.21 16.76 -28.94
C GLY A 164 -10.60 16.20 -29.23
N THR A 165 -10.82 14.91 -29.07
CA THR A 165 -12.16 14.35 -29.22
C THR A 165 -13.13 14.97 -28.22
N LEU A 166 -12.74 15.04 -26.94
CA LEU A 166 -13.55 15.65 -25.88
C LEU A 166 -12.71 16.71 -25.19
N PRO A 167 -12.57 17.89 -25.79
CA PRO A 167 -11.59 18.88 -25.29
C PRO A 167 -12.02 19.56 -24.00
N TRP A 168 -13.27 19.41 -23.57
CA TRP A 168 -13.70 19.95 -22.27
C TRP A 168 -13.30 19.08 -21.09
N LEU A 169 -12.72 17.90 -21.33
CA LEU A 169 -12.20 17.10 -20.22
C LEU A 169 -10.98 17.77 -19.60
N ARG A 170 -10.75 17.46 -18.34
N ARG A 170 -10.74 17.45 -18.34
CA ARG A 170 -9.61 17.98 -17.60
CA ARG A 170 -9.61 17.98 -17.60
C ARG A 170 -8.83 16.80 -17.01
C ARG A 170 -8.84 16.80 -16.99
N PRO A 171 -7.58 17.02 -16.57
CA PRO A 171 -6.69 15.86 -16.33
C PRO A 171 -7.15 14.87 -15.25
N ASP A 172 -7.81 15.33 -14.19
CA ASP A 172 -8.08 14.47 -13.02
C ASP A 172 -9.29 13.56 -13.28
N ALA A 173 -9.15 12.27 -12.97
CA ALA A 173 -10.23 11.31 -13.17
C ALA A 173 -9.96 10.03 -12.37
N LYS A 174 -11.05 9.34 -11.97
CA LYS A 174 -10.97 8.06 -11.27
C LYS A 174 -11.94 7.07 -11.89
N SER A 175 -11.56 5.78 -11.86
CA SER A 175 -12.38 4.72 -12.39
C SER A 175 -12.46 3.58 -11.38
N GLN A 176 -13.52 2.77 -11.51
CA GLN A 176 -13.71 1.62 -10.63
C GLN A 176 -14.61 0.62 -11.33
N VAL A 177 -14.19 -0.64 -11.38
CA VAL A 177 -14.95 -1.69 -12.06
C VAL A 177 -15.19 -2.84 -11.10
N THR A 178 -16.45 -3.29 -11.00
CA THR A 178 -16.86 -4.44 -10.20
C THR A 178 -17.19 -5.60 -11.13
N PHE A 179 -16.40 -6.66 -11.07
CA PHE A 179 -16.61 -7.86 -11.88
C PHE A 179 -17.36 -8.92 -11.06
N GLN A 180 -18.16 -9.73 -11.75
CA GLN A 180 -18.77 -10.91 -11.14
C GLN A 180 -18.04 -12.17 -11.61
N TYR A 181 -17.69 -13.02 -10.67
CA TYR A 181 -17.04 -14.30 -10.95
C TYR A 181 -17.92 -15.47 -10.53
N ASP A 182 -17.84 -16.56 -11.29
CA ASP A 182 -18.52 -17.81 -10.93
C ASP A 182 -17.56 -18.95 -11.26
N ASP A 183 -17.06 -19.62 -10.21
CA ASP A 183 -16.09 -20.70 -10.36
C ASP A 183 -14.85 -20.23 -11.11
N GLY A 184 -14.27 -19.12 -10.65
CA GLY A 184 -13.07 -18.56 -11.23
C GLY A 184 -13.23 -17.98 -12.62
N LYS A 185 -14.41 -18.10 -13.24
CA LYS A 185 -14.66 -17.58 -14.58
C LYS A 185 -15.39 -16.24 -14.49
N ILE A 186 -15.07 -15.35 -15.42
CA ILE A 186 -15.76 -14.07 -15.52
C ILE A 186 -17.12 -14.28 -16.16
N VAL A 187 -18.18 -13.86 -15.47
CA VAL A 187 -19.52 -13.84 -16.05
C VAL A 187 -19.85 -12.47 -16.63
N GLY A 188 -19.46 -11.38 -15.97
CA GLY A 188 -19.71 -10.06 -16.55
C GLY A 188 -19.26 -8.95 -15.62
N ILE A 189 -19.67 -7.73 -15.97
CA ILE A 189 -19.33 -6.52 -15.21
C ILE A 189 -20.58 -6.05 -14.48
N ASP A 190 -20.48 -5.96 -13.15
CA ASP A 190 -21.61 -5.60 -12.30
C ASP A 190 -21.79 -4.09 -12.15
N ALA A 191 -20.71 -3.33 -12.05
CA ALA A 191 -20.80 -1.91 -11.78
C ALA A 191 -19.57 -1.20 -12.31
N VAL A 192 -19.78 -0.02 -12.88
CA VAL A 192 -18.72 0.83 -13.40
C VAL A 192 -18.85 2.21 -12.78
N VAL A 193 -17.75 2.76 -12.28
CA VAL A 193 -17.68 4.14 -11.82
C VAL A 193 -16.68 4.88 -12.68
N LEU A 194 -17.05 6.08 -13.11
CA LEU A 194 -16.14 6.95 -13.88
C LEU A 194 -16.40 8.38 -13.45
N SER A 195 -15.42 9.00 -12.80
CA SER A 195 -15.49 10.41 -12.42
C SER A 195 -14.41 11.15 -13.19
N THR A 196 -14.78 12.27 -13.82
CA THR A 196 -13.80 13.03 -14.58
C THR A 196 -13.96 14.52 -14.33
N GLN A 197 -12.84 15.18 -14.15
CA GLN A 197 -12.80 16.63 -14.12
C GLN A 197 -13.16 17.18 -15.50
N HIS A 198 -13.68 18.40 -15.52
CA HIS A 198 -14.16 18.98 -16.77
C HIS A 198 -14.24 20.48 -16.61
N SER A 199 -14.32 21.18 -17.74
CA SER A 199 -14.46 22.63 -17.67
C SER A 199 -15.91 23.02 -17.39
N GLU A 200 -16.11 24.33 -17.20
CA GLU A 200 -17.43 24.87 -16.90
C GLU A 200 -18.40 24.79 -18.08
N GLU A 201 -17.90 24.62 -19.30
CA GLU A 201 -18.69 24.76 -20.51
C GLU A 201 -19.42 23.48 -20.93
N ILE A 202 -19.70 22.56 -20.00
CA ILE A 202 -20.39 21.32 -20.33
C ILE A 202 -21.37 21.00 -19.20
N ASP A 203 -22.59 20.63 -19.57
CA ASP A 203 -23.56 20.23 -18.56
C ASP A 203 -23.40 18.74 -18.25
N GLN A 204 -23.95 18.34 -17.10
CA GLN A 204 -23.70 16.99 -16.61
C GLN A 204 -24.34 15.94 -17.50
N LYS A 205 -25.51 16.25 -18.06
CA LYS A 205 -26.19 15.31 -18.95
C LYS A 205 -25.40 15.09 -20.24
N SER A 206 -24.90 16.17 -20.85
CA SER A 206 -24.05 16.00 -22.03
C SER A 206 -22.77 15.27 -21.68
N LEU A 207 -22.24 15.52 -20.48
CA LEU A 207 -21.01 14.84 -20.07
C LEU A 207 -21.22 13.33 -19.99
N GLN A 208 -22.33 12.92 -19.35
CA GLN A 208 -22.57 11.50 -19.14
C GLN A 208 -22.73 10.74 -20.44
N GLU A 209 -23.42 11.35 -21.42
CA GLU A 209 -23.58 10.69 -22.71
C GLU A 209 -22.25 10.56 -23.44
N ALA A 210 -21.44 11.62 -23.42
CA ALA A 210 -20.14 11.58 -24.10
C ALA A 210 -19.19 10.58 -23.44
N VAL A 211 -19.14 10.57 -22.11
CA VAL A 211 -18.30 9.59 -21.42
C VAL A 211 -18.74 8.18 -21.75
N MET A 212 -20.05 7.93 -21.75
CA MET A 212 -20.54 6.60 -22.11
C MET A 212 -20.13 6.23 -23.53
N GLU A 213 -20.25 7.17 -24.48
CA GLU A 213 -20.05 6.84 -25.88
C GLU A 213 -18.58 6.78 -26.27
N GLU A 214 -17.75 7.69 -25.73
CA GLU A 214 -16.38 7.82 -26.19
C GLU A 214 -15.35 7.21 -25.25
N ILE A 215 -15.76 6.82 -24.04
CA ILE A 215 -14.82 6.30 -23.05
C ILE A 215 -15.20 4.88 -22.62
N ILE A 216 -16.45 4.66 -22.22
CA ILE A 216 -16.83 3.41 -21.61
C ILE A 216 -17.09 2.34 -22.68
N LYS A 217 -18.00 2.63 -23.60
CA LYS A 217 -18.34 1.64 -24.64
C LYS A 217 -17.15 1.19 -25.48
N PRO A 218 -16.20 2.05 -25.88
CA PRO A 218 -15.04 1.55 -26.65
C PRO A 218 -14.12 0.63 -25.87
N ILE A 219 -14.22 0.56 -24.56
CA ILE A 219 -13.24 -0.10 -23.72
C ILE A 219 -13.79 -1.39 -23.11
N LEU A 220 -14.99 -1.34 -22.55
CA LEU A 220 -15.52 -2.52 -21.85
C LEU A 220 -16.15 -3.48 -22.85
N PRO A 221 -15.80 -4.77 -22.81
CA PRO A 221 -16.36 -5.73 -23.77
C PRO A 221 -17.88 -5.83 -23.68
N ALA A 222 -18.54 -5.74 -24.83
CA ALA A 222 -20.00 -5.70 -24.84
C ALA A 222 -20.63 -6.98 -24.30
N GLU A 223 -19.92 -8.11 -24.35
CA GLU A 223 -20.44 -9.37 -23.83
C GLU A 223 -20.53 -9.36 -22.31
N TRP A 224 -19.85 -8.42 -21.66
CA TRP A 224 -19.85 -8.32 -20.20
C TRP A 224 -20.79 -7.24 -19.70
N LEU A 225 -21.40 -6.47 -20.58
CA LEU A 225 -22.30 -5.39 -20.20
C LEU A 225 -23.74 -5.84 -20.45
N THR A 226 -24.42 -6.26 -19.39
CA THR A 226 -25.83 -6.62 -19.48
C THR A 226 -26.68 -5.39 -19.15
N SER A 227 -27.99 -5.59 -19.05
CA SER A 227 -28.87 -4.52 -18.59
C SER A 227 -28.90 -4.40 -17.06
N ALA A 228 -28.31 -5.35 -16.35
CA ALA A 228 -28.12 -5.24 -14.91
C ALA A 228 -26.87 -4.44 -14.55
N THR A 229 -26.05 -4.04 -15.51
CA THR A 229 -24.81 -3.34 -15.18
C THR A 229 -25.10 -1.91 -14.71
N LYS A 230 -24.54 -1.52 -13.56
CA LYS A 230 -24.73 -0.16 -13.04
C LYS A 230 -23.61 0.75 -13.53
N PHE A 231 -24.00 1.95 -13.98
CA PHE A 231 -23.08 2.94 -14.55
C PHE A 231 -23.17 4.22 -13.74
N PHE A 232 -22.09 4.57 -13.04
CA PHE A 232 -22.05 5.77 -12.21
C PHE A 232 -21.05 6.75 -12.82
N ILE A 233 -21.55 7.68 -13.64
CA ILE A 233 -20.72 8.65 -14.33
C ILE A 233 -20.90 10.01 -13.65
N ASN A 234 -19.79 10.57 -13.14
CA ASN A 234 -19.79 11.74 -12.26
C ASN A 234 -20.97 11.68 -11.29
N PRO A 235 -20.96 10.72 -10.36
CA PRO A 235 -22.20 10.45 -9.59
C PRO A 235 -22.62 11.57 -8.65
N THR A 236 -21.72 12.48 -8.27
CA THR A 236 -22.12 13.61 -7.45
C THR A 236 -22.14 14.92 -8.23
N GLY A 237 -22.14 14.87 -9.55
CA GLY A 237 -22.34 16.08 -10.34
C GLY A 237 -21.06 16.76 -10.74
N ARG A 238 -21.06 18.10 -10.73
CA ARG A 238 -19.97 18.85 -11.33
C ARG A 238 -18.63 18.50 -10.68
N PHE A 239 -17.58 18.49 -11.51
CA PHE A 239 -16.23 18.11 -11.11
C PHE A 239 -15.31 19.07 -11.89
N VAL A 240 -15.22 20.29 -11.38
CA VAL A 240 -14.45 21.35 -12.02
C VAL A 240 -13.14 21.62 -11.27
N ILE A 241 -13.19 21.57 -9.94
CA ILE A 241 -12.00 21.65 -9.11
C ILE A 241 -11.38 20.26 -9.02
N GLY A 242 -10.13 20.14 -9.44
CA GLY A 242 -9.44 18.87 -9.36
C GLY A 242 -7.93 19.01 -9.24
N GLY A 243 -7.20 17.90 -9.41
CA GLY A 243 -5.77 17.91 -9.30
C GLY A 243 -5.32 18.37 -7.93
N PRO A 244 -4.13 18.97 -7.86
CA PRO A 244 -3.58 19.36 -6.55
C PRO A 244 -4.38 20.44 -5.85
N MET A 245 -5.30 21.10 -6.57
CA MET A 245 -6.12 22.14 -5.96
C MET A 245 -7.04 21.57 -4.88
N GLY A 246 -7.64 20.42 -5.15
CA GLY A 246 -8.53 19.84 -4.16
C GLY A 246 -7.88 18.96 -3.11
N ASP A 247 -6.76 18.32 -3.43
CA ASP A 247 -6.24 17.27 -2.56
C ASP A 247 -4.72 17.22 -2.68
N CYS A 248 -4.06 16.94 -1.55
CA CYS A 248 -2.65 16.60 -1.57
C CYS A 248 -2.39 15.39 -2.43
N GLY A 249 -1.23 15.38 -3.06
CA GLY A 249 -0.72 14.21 -3.74
C GLY A 249 0.66 13.89 -3.21
N LEU A 250 0.92 12.60 -3.01
CA LEU A 250 2.19 12.14 -2.44
C LEU A 250 2.64 10.90 -3.20
N THR A 251 3.95 10.81 -3.40
CA THR A 251 4.53 9.60 -3.98
C THR A 251 4.18 8.38 -3.14
N GLY A 252 3.84 7.28 -3.82
CA GLY A 252 3.64 6.03 -3.13
C GLY A 252 2.33 5.90 -2.38
N ARG A 253 1.26 6.55 -2.85
CA ARG A 253 -0.05 6.46 -2.24
C ARG A 253 -1.06 5.82 -3.18
N LYS A 254 -0.58 5.17 -4.24
CA LYS A 254 -1.42 4.41 -5.15
C LYS A 254 -0.79 3.06 -5.44
N ILE A 255 -0.23 2.42 -4.42
CA ILE A 255 0.54 1.19 -4.68
C ILE A 255 -0.34 0.03 -5.09
N ILE A 256 -1.64 0.07 -4.78
CA ILE A 256 -2.54 -1.02 -5.19
C ILE A 256 -3.02 -0.78 -6.62
N VAL A 257 -3.36 0.47 -6.96
CA VAL A 257 -3.55 0.87 -8.36
C VAL A 257 -2.33 0.49 -9.21
N ASP A 258 -1.14 0.69 -8.66
CA ASP A 258 0.08 0.46 -9.43
C ASP A 258 0.30 -1.02 -9.76
N THR A 259 -0.35 -1.94 -9.04
CA THR A 259 0.00 -3.35 -9.10
C THR A 259 -1.20 -4.12 -9.62
N TYR A 260 -1.97 -4.77 -8.75
CA TYR A 260 -2.99 -5.72 -9.19
C TYR A 260 -4.41 -5.35 -8.74
N GLY A 261 -4.62 -4.11 -8.30
CA GLY A 261 -5.96 -3.70 -7.90
C GLY A 261 -6.53 -4.43 -6.70
N GLY A 262 -5.69 -5.04 -5.88
CA GLY A 262 -6.13 -5.78 -4.72
C GLY A 262 -6.38 -7.26 -4.96
N MET A 263 -6.33 -7.71 -6.22
CA MET A 263 -6.52 -9.13 -6.50
C MET A 263 -5.41 -9.97 -5.88
N ALA A 264 -4.19 -9.42 -5.84
CA ALA A 264 -3.05 -10.09 -5.24
C ALA A 264 -2.62 -9.32 -4.00
N ARG A 265 -1.77 -9.97 -3.21
CA ARG A 265 -1.26 -9.33 -2.01
C ARG A 265 -0.16 -8.34 -2.37
N HIS A 266 0.23 -7.55 -1.37
CA HIS A 266 1.18 -6.49 -1.59
C HIS A 266 2.03 -6.40 -0.33
N GLY A 267 3.34 -6.23 -0.53
CA GLY A 267 4.24 -6.19 0.62
C GLY A 267 4.43 -4.82 1.22
N GLY A 268 3.97 -3.77 0.55
CA GLY A 268 3.96 -2.43 1.11
C GLY A 268 4.85 -1.41 0.42
N GLY A 269 5.90 -1.83 -0.28
CA GLY A 269 6.84 -0.84 -0.83
C GLY A 269 6.26 -0.09 -2.01
N ALA A 270 6.48 1.23 -2.02
CA ALA A 270 6.18 2.05 -3.18
C ALA A 270 7.23 1.83 -4.26
N PHE A 271 6.85 2.15 -5.51
CA PHE A 271 7.70 2.00 -6.69
C PHE A 271 8.37 3.30 -7.14
N SER A 272 7.63 4.40 -7.22
CA SER A 272 8.09 5.54 -8.00
C SER A 272 9.15 6.33 -7.25
N GLY A 273 10.13 6.83 -8.00
CA GLY A 273 11.23 7.57 -7.42
C GLY A 273 12.36 6.72 -6.92
N LYS A 274 12.31 5.40 -7.11
CA LYS A 274 13.34 4.49 -6.61
C LYS A 274 14.10 3.87 -7.77
N ASP A 275 15.44 3.89 -7.68
CA ASP A 275 16.27 3.25 -8.69
C ASP A 275 16.18 1.73 -8.55
N PRO A 276 16.64 0.97 -9.56
CA PRO A 276 16.44 -0.49 -9.51
C PRO A 276 17.18 -1.21 -8.39
N SER A 277 18.10 -0.56 -7.68
CA SER A 277 18.73 -1.23 -6.54
C SER A 277 17.81 -1.32 -5.32
N LYS A 278 16.62 -0.74 -5.37
CA LYS A 278 15.64 -0.86 -4.30
C LYS A 278 14.79 -2.09 -4.57
N VAL A 279 14.96 -3.14 -3.75
CA VAL A 279 14.23 -4.39 -3.99
C VAL A 279 12.71 -4.19 -3.95
N ASP A 280 12.22 -3.17 -3.21
CA ASP A 280 10.78 -2.86 -3.20
C ASP A 280 10.22 -2.79 -4.60
N ARG A 281 10.97 -2.18 -5.51
CA ARG A 281 10.52 -2.00 -6.88
C ARG A 281 10.98 -3.17 -7.76
N SER A 282 12.29 -3.43 -7.79
CA SER A 282 12.86 -4.38 -8.74
C SER A 282 12.45 -5.82 -8.43
N ALA A 283 12.34 -6.20 -7.15
CA ALA A 283 11.91 -7.55 -6.84
C ALA A 283 10.41 -7.74 -7.10
N ALA A 284 9.62 -6.67 -7.02
CA ALA A 284 8.22 -6.80 -7.42
C ALA A 284 8.11 -6.96 -8.93
N TYR A 285 8.91 -6.20 -9.69
CA TYR A 285 8.98 -6.42 -11.14
C TYR A 285 9.39 -7.86 -11.47
N ALA A 286 10.42 -8.37 -10.78
CA ALA A 286 10.87 -9.73 -11.02
C ALA A 286 9.82 -10.76 -10.64
N ALA A 287 9.01 -10.48 -9.61
CA ALA A 287 7.99 -11.43 -9.20
C ALA A 287 6.84 -11.46 -10.20
N ARG A 288 6.48 -10.31 -10.76
CA ARG A 288 5.56 -10.30 -11.89
C ARG A 288 6.11 -11.12 -13.04
N TYR A 289 7.41 -10.98 -13.31
CA TYR A 289 8.06 -11.68 -14.41
C TYR A 289 8.00 -13.18 -14.22
N VAL A 290 8.26 -13.66 -13.00
CA VAL A 290 8.18 -15.09 -12.73
C VAL A 290 6.76 -15.59 -12.91
N ALA A 291 5.80 -14.91 -12.27
CA ALA A 291 4.41 -15.36 -12.29
C ALA A 291 3.86 -15.37 -13.71
N LYS A 292 4.14 -14.32 -14.49
CA LYS A 292 3.63 -14.25 -15.85
C LYS A 292 4.18 -15.36 -16.71
N ASN A 293 5.46 -15.69 -16.56
CA ASN A 293 6.04 -16.74 -17.39
C ASN A 293 5.54 -18.12 -16.96
N ILE A 294 5.21 -18.30 -15.67
CA ILE A 294 4.63 -19.56 -15.24
C ILE A 294 3.24 -19.72 -15.86
N VAL A 295 2.41 -18.67 -15.81
CA VAL A 295 1.07 -18.76 -16.40
C VAL A 295 1.14 -18.85 -17.91
N ALA A 296 2.00 -18.03 -18.53
CA ALA A 296 2.17 -18.11 -19.99
C ALA A 296 2.66 -19.48 -20.45
N ALA A 297 3.42 -20.19 -19.60
CA ALA A 297 3.85 -21.53 -19.94
C ALA A 297 2.76 -22.58 -19.78
N GLY A 298 1.56 -22.17 -19.37
CA GLY A 298 0.51 -23.15 -19.14
C GLY A 298 0.73 -24.04 -17.94
N LEU A 299 1.59 -23.63 -17.00
CA LEU A 299 1.80 -24.42 -15.80
C LEU A 299 0.76 -24.11 -14.72
N ALA A 300 0.02 -23.02 -14.86
CA ALA A 300 -1.04 -22.69 -13.91
C ALA A 300 -2.01 -21.72 -14.57
N ASP A 301 -3.23 -21.67 -14.04
CA ASP A 301 -4.18 -20.65 -14.45
C ASP A 301 -3.94 -19.33 -13.74
N ARG A 302 -3.61 -19.38 -12.46
CA ARG A 302 -3.22 -18.17 -11.74
C ARG A 302 -2.11 -18.54 -10.75
N CYS A 303 -1.21 -17.59 -10.52
CA CYS A 303 0.00 -17.85 -9.74
C CYS A 303 0.38 -16.61 -8.97
N GLU A 304 0.59 -16.76 -7.66
CA GLU A 304 1.12 -15.69 -6.83
C GLU A 304 2.48 -16.11 -6.29
N ILE A 305 3.46 -15.21 -6.37
CA ILE A 305 4.81 -15.41 -5.87
C ILE A 305 5.05 -14.46 -4.70
N GLN A 306 5.62 -14.97 -3.61
CA GLN A 306 6.16 -14.11 -2.56
C GLN A 306 7.66 -14.31 -2.45
N VAL A 307 8.40 -13.21 -2.43
CA VAL A 307 9.82 -13.24 -2.11
C VAL A 307 10.05 -12.26 -0.96
N SER A 308 11.01 -12.57 -0.10
CA SER A 308 11.41 -11.64 0.95
C SER A 308 12.92 -11.54 1.01
N TYR A 309 13.40 -10.44 1.58
CA TYR A 309 14.83 -10.18 1.69
C TYR A 309 15.18 -9.71 3.11
N ALA A 310 16.43 -9.96 3.49
CA ALA A 310 17.05 -9.39 4.68
C ALA A 310 18.12 -8.40 4.22
N ILE A 311 18.23 -7.26 4.91
CA ILE A 311 19.24 -6.29 4.51
C ILE A 311 20.61 -6.93 4.66
N GLY A 312 21.49 -6.65 3.68
CA GLY A 312 22.83 -7.25 3.69
C GLY A 312 22.92 -8.69 3.21
N VAL A 313 21.82 -9.31 2.76
CA VAL A 313 21.81 -10.70 2.33
C VAL A 313 21.32 -10.76 0.89
N ALA A 314 22.06 -11.48 0.04
CA ALA A 314 21.77 -11.51 -1.38
C ALA A 314 20.66 -12.52 -1.72
N GLU A 315 20.75 -13.74 -1.20
CA GLU A 315 19.69 -14.72 -1.45
C GLU A 315 18.40 -14.29 -0.76
N PRO A 316 17.26 -14.34 -1.43
CA PRO A 316 15.98 -14.08 -0.76
C PRO A 316 15.84 -14.95 0.48
N THR A 317 15.26 -14.38 1.55
CA THR A 317 15.05 -15.17 2.75
C THR A 317 13.90 -16.15 2.60
N SER A 318 12.92 -15.87 1.73
CA SER A 318 11.86 -16.83 1.44
C SER A 318 11.40 -16.70 0.00
N ILE A 319 11.00 -17.83 -0.58
CA ILE A 319 10.34 -17.86 -1.88
C ILE A 319 9.14 -18.78 -1.76
N MET A 320 7.94 -18.25 -2.01
CA MET A 320 6.69 -19.00 -1.94
C MET A 320 5.98 -18.93 -3.29
N VAL A 321 5.47 -20.07 -3.74
CA VAL A 321 4.65 -20.15 -4.94
C VAL A 321 3.26 -20.65 -4.57
N GLU A 322 2.23 -19.87 -4.93
CA GLU A 322 0.84 -20.24 -4.68
C GLU A 322 0.09 -20.24 -6.01
N THR A 323 -0.64 -21.33 -6.29
CA THR A 323 -1.33 -21.47 -7.55
C THR A 323 -2.83 -21.74 -7.38
N PHE A 324 -3.33 -21.68 -6.14
CA PHE A 324 -4.77 -21.69 -5.87
C PHE A 324 -5.46 -22.94 -6.44
N GLY A 325 -4.73 -24.06 -6.49
CA GLY A 325 -5.31 -25.28 -7.00
C GLY A 325 -5.34 -25.40 -8.50
N THR A 326 -4.74 -24.45 -9.22
CA THR A 326 -4.80 -24.43 -10.67
C THR A 326 -3.52 -24.89 -11.33
N GLU A 327 -2.56 -25.42 -10.57
CA GLU A 327 -1.30 -25.83 -11.16
C GLU A 327 -1.50 -27.08 -12.01
N LYS A 328 -0.83 -27.12 -13.17
CA LYS A 328 -0.91 -28.27 -14.04
C LYS A 328 0.23 -29.26 -13.80
N VAL A 329 1.24 -28.86 -13.04
CA VAL A 329 2.32 -29.74 -12.60
C VAL A 329 2.44 -29.60 -11.08
N PRO A 330 3.10 -30.55 -10.42
CA PRO A 330 3.22 -30.47 -8.96
C PRO A 330 3.83 -29.15 -8.50
N SER A 331 3.26 -28.62 -7.40
CA SER A 331 3.74 -27.34 -6.87
C SER A 331 5.18 -27.43 -6.37
N GLU A 332 5.57 -28.60 -5.87
CA GLU A 332 6.97 -28.80 -5.50
C GLU A 332 7.87 -28.63 -6.73
N GLN A 333 7.38 -28.98 -7.93
CA GLN A 333 8.14 -28.76 -9.15
C GLN A 333 8.17 -27.29 -9.55
N LEU A 334 7.05 -26.58 -9.41
CA LEU A 334 7.00 -25.15 -9.76
C LEU A 334 8.03 -24.36 -8.98
N THR A 335 8.17 -24.65 -7.68
CA THR A 335 9.20 -23.99 -6.90
C THR A 335 10.59 -24.30 -7.45
N LEU A 336 10.79 -25.50 -7.98
CA LEU A 336 12.10 -25.83 -8.53
C LEU A 336 12.38 -25.03 -9.79
N LEU A 337 11.38 -24.90 -10.67
CA LEU A 337 11.58 -24.15 -11.91
C LEU A 337 11.88 -22.69 -11.63
N VAL A 338 11.24 -22.11 -10.61
CA VAL A 338 11.47 -20.71 -10.28
C VAL A 338 12.94 -20.50 -9.92
N ARG A 339 13.47 -21.38 -9.06
CA ARG A 339 14.87 -21.29 -8.67
C ARG A 339 15.81 -21.60 -9.82
N GLU A 340 15.41 -22.51 -10.71
CA GLU A 340 16.29 -22.91 -11.80
C GLU A 340 16.42 -21.83 -12.87
N PHE A 341 15.35 -21.07 -13.13
CA PHE A 341 15.31 -20.21 -14.30
C PHE A 341 15.36 -18.72 -14.00
N PHE A 342 15.30 -18.30 -12.74
CA PHE A 342 15.27 -16.88 -12.43
C PHE A 342 16.34 -16.54 -11.38
N ASP A 343 16.97 -15.38 -11.54
CA ASP A 343 17.97 -14.89 -10.59
C ASP A 343 17.28 -13.80 -9.76
N LEU A 344 16.92 -14.13 -8.52
CA LEU A 344 16.18 -13.20 -7.67
C LEU A 344 17.06 -12.49 -6.65
N ARG A 345 18.38 -12.51 -6.83
CA ARG A 345 19.25 -11.69 -5.99
C ARG A 345 19.13 -10.23 -6.44
N PRO A 346 19.29 -9.29 -5.50
CA PRO A 346 19.03 -7.86 -5.81
C PRO A 346 19.65 -7.37 -7.11
N TYR A 347 20.96 -7.57 -7.30
CA TYR A 347 21.57 -7.15 -8.56
C TYR A 347 21.43 -8.19 -9.65
N GLY A 348 21.15 -9.45 -9.29
CA GLY A 348 20.72 -10.41 -10.27
C GLY A 348 19.45 -9.98 -11.01
N LEU A 349 18.45 -9.50 -10.26
CA LEU A 349 17.22 -9.00 -10.88
C LEU A 349 17.53 -7.92 -11.90
N ILE A 350 18.38 -6.96 -11.50
CA ILE A 350 18.73 -5.85 -12.37
C ILE A 350 19.31 -6.35 -13.68
N GLN A 351 20.22 -7.34 -13.61
CA GLN A 351 20.82 -7.87 -14.82
C GLN A 351 19.84 -8.75 -15.59
N MET A 352 19.02 -9.53 -14.90
CA MET A 352 18.09 -10.41 -15.60
C MET A 352 17.07 -9.61 -16.40
N LEU A 353 16.70 -8.42 -15.92
CA LEU A 353 15.65 -7.62 -16.55
C LEU A 353 16.18 -6.37 -17.25
N ASP A 354 17.50 -6.16 -17.27
CA ASP A 354 18.13 -5.02 -17.92
C ASP A 354 17.50 -3.69 -17.49
N LEU A 355 17.57 -3.39 -16.20
CA LEU A 355 16.75 -2.33 -15.61
C LEU A 355 17.43 -0.96 -15.54
N LEU A 356 18.71 -0.85 -15.88
CA LEU A 356 19.46 0.41 -15.75
C LEU A 356 19.28 1.29 -17.00
N HIS A 357 18.04 1.70 -17.24
CA HIS A 357 17.69 2.52 -18.39
C HIS A 357 16.56 3.43 -17.99
N PRO A 358 16.47 4.64 -18.57
CA PRO A 358 15.39 5.57 -18.19
C PRO A 358 14.05 5.17 -18.79
N ILE A 359 13.38 4.19 -18.17
CA ILE A 359 12.12 3.64 -18.67
C ILE A 359 10.98 3.82 -17.67
N TYR A 360 11.19 4.60 -16.61
CA TYR A 360 10.30 4.48 -15.46
C TYR A 360 9.19 5.53 -15.38
N LYS A 361 9.35 6.71 -16.00
CA LYS A 361 8.24 7.65 -15.99
C LYS A 361 6.99 7.05 -16.63
N GLU A 362 7.17 6.26 -17.69
CA GLU A 362 6.05 5.64 -18.37
C GLU A 362 5.27 4.69 -17.46
N THR A 363 5.90 4.13 -16.41
CA THR A 363 5.21 3.21 -15.50
C THR A 363 4.37 3.92 -14.46
N ALA A 364 4.58 5.22 -14.27
CA ALA A 364 4.09 5.92 -13.09
C ALA A 364 2.62 6.30 -13.21
N ALA A 365 1.98 6.02 -14.33
CA ALA A 365 0.53 6.10 -14.45
C ALA A 365 0.08 4.93 -15.31
N TYR A 366 -1.13 4.45 -15.02
CA TYR A 366 -1.86 3.41 -15.76
C TYR A 366 -1.34 2.00 -15.52
N GLY A 367 -0.52 1.81 -14.47
CA GLY A 367 -0.12 0.49 -14.05
C GLY A 367 1.29 0.08 -14.43
N HIS A 368 2.05 -0.45 -13.47
CA HIS A 368 3.37 -0.99 -13.77
C HIS A 368 3.29 -2.36 -14.44
N PHE A 369 2.15 -3.03 -14.37
CA PHE A 369 1.97 -4.36 -14.89
C PHE A 369 0.82 -4.39 -15.88
N GLY A 370 1.01 -5.08 -17.00
CA GLY A 370 -0.04 -5.21 -17.98
C GLY A 370 0.39 -4.81 -19.38
N ARG A 371 1.34 -3.89 -19.49
CA ARG A 371 1.76 -3.34 -20.77
C ARG A 371 3.00 -4.07 -21.25
N GLU A 372 2.87 -4.80 -22.35
CA GLU A 372 3.82 -5.85 -22.68
C GLU A 372 5.11 -5.35 -23.36
N HIS A 373 5.42 -4.06 -23.31
CA HIS A 373 6.74 -3.59 -23.74
C HIS A 373 7.70 -3.35 -22.59
N PHE A 374 7.23 -3.41 -21.35
CA PHE A 374 8.13 -3.38 -20.20
C PHE A 374 8.92 -4.69 -20.13
N PRO A 375 10.16 -4.65 -19.65
CA PRO A 375 10.96 -5.89 -19.64
C PRO A 375 10.41 -6.98 -18.72
N TRP A 376 9.78 -6.62 -17.60
CA TRP A 376 9.21 -7.66 -16.73
C TRP A 376 7.92 -8.25 -17.28
N GLU A 377 7.44 -7.79 -18.45
CA GLU A 377 6.24 -8.35 -19.05
C GLU A 377 6.55 -9.32 -20.19
N LYS A 378 7.82 -9.47 -20.55
CA LYS A 378 8.20 -10.42 -21.60
C LYS A 378 8.07 -11.85 -21.12
N THR A 379 7.58 -12.72 -21.99
CA THR A 379 7.37 -14.12 -21.67
C THR A 379 8.42 -15.01 -22.34
N ASP A 380 9.66 -14.52 -22.38
CA ASP A 380 10.72 -15.21 -23.12
C ASP A 380 11.26 -16.43 -22.39
N LYS A 381 10.68 -16.81 -21.24
CA LYS A 381 11.10 -18.01 -20.54
C LYS A 381 10.00 -19.06 -20.50
N ALA A 382 8.83 -18.74 -21.04
CA ALA A 382 7.68 -19.62 -20.95
C ALA A 382 7.94 -20.94 -21.66
N GLN A 383 8.43 -20.89 -22.89
CA GLN A 383 8.69 -22.13 -23.61
C GLN A 383 9.74 -22.97 -22.90
N LEU A 384 10.76 -22.32 -22.31
CA LEU A 384 11.79 -23.05 -21.59
C LEU A 384 11.21 -23.75 -20.36
N LEU A 385 10.39 -23.04 -19.60
CA LEU A 385 9.71 -23.63 -18.45
C LEU A 385 8.85 -24.81 -18.87
N ARG A 386 8.10 -24.64 -19.96
CA ARG A 386 7.25 -25.71 -20.47
C ARG A 386 8.09 -26.95 -20.80
N ASP A 387 9.23 -26.75 -21.48
CA ASP A 387 10.10 -27.87 -21.83
C ASP A 387 10.69 -28.53 -20.59
N ALA A 388 11.09 -27.73 -19.60
CA ALA A 388 11.70 -28.29 -18.40
C ALA A 388 10.71 -29.08 -17.56
N ALA A 389 9.41 -28.81 -17.70
CA ALA A 389 8.37 -29.63 -17.10
C ALA A 389 8.00 -30.76 -18.05
N GLY A 390 6.80 -31.31 -17.93
CA GLY A 390 6.38 -32.40 -18.79
C GLY A 390 6.17 -32.05 -20.26
N LEU A 391 7.04 -31.19 -20.81
CA LEU A 391 7.05 -30.83 -22.23
C LEU A 391 5.71 -30.24 -22.68
N LYS A 392 5.57 -30.06 -24.00
CA LYS A 392 4.32 -29.58 -24.59
C LYS A 392 3.44 -30.77 -24.98
N LEU B 2 22.03 -21.36 9.17
CA LEU B 2 23.10 -22.02 8.43
C LEU B 2 22.62 -23.32 7.76
N VAL B 3 21.48 -23.23 7.10
CA VAL B 3 20.89 -24.34 6.36
C VAL B 3 21.33 -24.25 4.90
N PRO B 4 22.01 -25.26 4.35
CA PRO B 4 22.52 -25.15 2.99
C PRO B 4 21.40 -25.04 1.95
N ARG B 5 21.76 -24.47 0.80
CA ARG B 5 20.85 -24.44 -0.33
C ARG B 5 20.53 -25.86 -0.81
N GLY B 6 19.27 -26.07 -1.19
CA GLY B 6 18.82 -27.37 -1.64
C GLY B 6 18.59 -28.37 -0.55
N SER B 7 18.37 -27.93 0.69
CA SER B 7 18.14 -28.84 1.80
C SER B 7 16.66 -29.13 2.02
N HIS B 8 15.80 -28.10 1.93
CA HIS B 8 14.36 -28.29 2.08
C HIS B 8 13.62 -27.90 0.81
N MET B 9 13.54 -26.61 0.47
CA MET B 9 12.92 -26.12 -0.76
C MET B 9 11.40 -26.34 -0.80
N ALA B 10 10.90 -27.35 -0.08
CA ALA B 10 9.47 -27.67 -0.08
C ALA B 10 8.71 -26.99 1.04
N LYS B 11 9.38 -26.37 1.99
CA LYS B 11 8.70 -25.70 3.09
C LYS B 11 7.90 -24.50 2.58
N HIS B 12 6.67 -24.37 3.08
CA HIS B 12 5.81 -23.22 2.76
C HIS B 12 6.14 -22.10 3.74
N LEU B 13 6.71 -21.00 3.24
CA LEU B 13 7.16 -19.91 4.08
C LEU B 13 6.31 -18.66 3.83
N PHE B 14 6.10 -17.88 4.89
CA PHE B 14 5.47 -16.57 4.75
C PHE B 14 6.12 -15.56 5.69
N THR B 15 6.38 -14.37 5.16
CA THR B 15 7.19 -13.34 5.81
C THR B 15 6.40 -12.04 5.95
N SER B 16 6.48 -11.42 7.13
CA SER B 16 5.89 -10.10 7.36
C SER B 16 6.87 -9.25 8.16
N GLU B 17 6.73 -7.92 8.05
CA GLU B 17 7.60 -6.96 8.72
C GLU B 17 6.78 -5.92 9.48
N SER B 18 7.46 -5.24 10.40
CA SER B 18 6.91 -4.09 11.11
C SER B 18 8.02 -3.06 11.31
N VAL B 19 7.65 -1.89 11.85
CA VAL B 19 8.60 -0.81 12.12
C VAL B 19 8.19 -0.12 13.43
N SER B 20 9.18 0.49 14.07
CA SER B 20 8.90 1.12 15.35
C SER B 20 8.29 2.51 15.16
N GLU B 21 7.92 3.13 16.28
CA GLU B 21 7.34 4.46 16.27
C GLU B 21 8.33 5.54 15.88
N GLY B 22 9.62 5.22 15.79
CA GLY B 22 10.62 6.18 15.36
C GLY B 22 11.00 6.09 13.90
N HIS B 23 10.42 5.16 13.16
CA HIS B 23 10.67 5.09 11.73
C HIS B 23 10.02 6.30 11.06
N PRO B 24 10.71 6.96 10.12
CA PRO B 24 10.21 8.27 9.67
C PRO B 24 8.80 8.23 9.11
N ASP B 25 8.42 7.17 8.39
CA ASP B 25 7.05 7.08 7.89
C ASP B 25 6.06 7.00 9.06
N LYS B 26 6.39 6.22 10.10
CA LYS B 26 5.51 6.11 11.24
C LYS B 26 5.44 7.41 12.03
N ILE B 27 6.54 8.17 12.09
CA ILE B 27 6.48 9.50 12.71
C ILE B 27 5.42 10.34 12.02
N ALA B 28 5.44 10.35 10.68
CA ALA B 28 4.46 11.11 9.93
C ALA B 28 3.03 10.66 10.23
N ASP B 29 2.82 9.33 10.33
CA ASP B 29 1.49 8.80 10.64
C ASP B 29 1.03 9.26 12.01
N GLN B 30 1.93 9.23 13.00
CA GLN B 30 1.56 9.65 14.35
C GLN B 30 1.23 11.14 14.41
N ILE B 31 1.96 11.98 13.66
CA ILE B 31 1.65 13.41 13.66
C ILE B 31 0.27 13.67 13.04
N SER B 32 -0.02 13.02 11.91
CA SER B 32 -1.33 13.19 11.27
C SER B 32 -2.47 12.82 12.21
N ASP B 33 -2.34 11.70 12.93
CA ASP B 33 -3.42 11.27 13.82
C ASP B 33 -3.44 12.06 15.12
N ALA B 34 -2.28 12.55 15.58
CA ALA B 34 -2.27 13.44 16.73
C ALA B 34 -3.01 14.74 16.42
N VAL B 35 -2.82 15.28 15.22
CA VAL B 35 -3.61 16.43 14.81
C VAL B 35 -5.08 16.07 14.74
N LEU B 36 -5.41 14.91 14.16
CA LEU B 36 -6.79 14.47 14.10
C LEU B 36 -7.40 14.36 15.50
N ASP B 37 -6.66 13.79 16.45
CA ASP B 37 -7.21 13.60 17.79
C ASP B 37 -7.49 14.93 18.47
N ALA B 38 -6.55 15.88 18.36
CA ALA B 38 -6.75 17.19 18.97
C ALA B 38 -7.99 17.88 18.42
N ILE B 39 -8.25 17.70 17.12
CA ILE B 39 -9.44 18.29 16.52
C ILE B 39 -10.71 17.62 17.01
N LEU B 40 -10.72 16.28 17.02
CA LEU B 40 -11.92 15.54 17.42
C LEU B 40 -12.27 15.77 18.88
N GLU B 41 -11.27 16.03 19.72
CA GLU B 41 -11.51 16.38 21.11
C GLU B 41 -12.44 17.59 21.24
N GLN B 42 -12.38 18.51 20.29
CA GLN B 42 -13.21 19.72 20.31
C GLN B 42 -14.40 19.65 19.38
N ASP B 43 -14.27 18.97 18.23
CA ASP B 43 -15.27 18.99 17.17
C ASP B 43 -15.42 17.58 16.62
N PRO B 44 -16.29 16.76 17.22
CA PRO B 44 -16.45 15.37 16.77
C PRO B 44 -16.89 15.22 15.32
N LYS B 45 -17.57 16.20 14.73
CA LYS B 45 -18.05 16.13 13.36
C LYS B 45 -17.05 16.68 12.34
N ALA B 46 -15.83 17.03 12.77
CA ALA B 46 -14.86 17.63 11.87
C ALA B 46 -14.54 16.74 10.67
N ARG B 47 -14.27 17.38 9.54
CA ARG B 47 -13.67 16.72 8.38
C ARG B 47 -12.18 17.03 8.39
N VAL B 48 -11.36 15.97 8.36
CA VAL B 48 -9.92 16.10 8.47
C VAL B 48 -9.27 15.18 7.44
N ALA B 49 -8.30 15.72 6.69
CA ALA B 49 -7.47 14.96 5.74
C ALA B 49 -6.05 15.54 5.87
N CYS B 50 -5.28 15.02 6.82
CA CYS B 50 -4.01 15.63 7.21
C CYS B 50 -2.84 14.76 6.76
N GLU B 51 -2.00 15.30 5.87
CA GLU B 51 -0.84 14.61 5.32
C GLU B 51 0.43 15.27 5.84
N THR B 52 1.35 14.46 6.35
CA THR B 52 2.57 14.97 6.97
C THR B 52 3.79 14.49 6.21
N TYR B 53 4.76 15.39 6.07
CA TYR B 53 6.03 15.14 5.41
C TYR B 53 7.12 15.47 6.42
N VAL B 54 8.00 14.52 6.71
CA VAL B 54 9.07 14.73 7.67
C VAL B 54 10.41 14.43 7.00
N LYS B 55 11.37 15.33 7.19
CA LYS B 55 12.71 15.27 6.60
C LYS B 55 13.68 15.83 7.63
N THR B 56 14.98 15.69 7.36
CA THR B 56 15.97 16.16 8.32
C THR B 56 15.73 17.63 8.65
N GLY B 57 15.33 17.93 9.88
CA GLY B 57 15.14 19.28 10.34
C GLY B 57 13.72 19.80 10.29
N MET B 58 12.79 19.15 9.59
CA MET B 58 11.53 19.83 9.37
C MET B 58 10.36 18.86 9.31
N VAL B 59 9.21 19.35 9.75
CA VAL B 59 7.92 18.70 9.59
C VAL B 59 7.05 19.63 8.75
N LEU B 60 6.46 19.09 7.68
CA LEU B 60 5.45 19.77 6.90
C LEU B 60 4.11 19.06 7.09
N VAL B 61 3.12 19.79 7.61
CA VAL B 61 1.78 19.30 7.88
C VAL B 61 0.83 19.95 6.89
N GLY B 62 0.24 19.16 6.01
CA GLY B 62 -0.63 19.71 4.99
C GLY B 62 -1.95 18.98 4.92
N GLY B 63 -2.77 19.36 3.95
CA GLY B 63 -4.03 18.67 3.71
C GLY B 63 -5.21 19.62 3.80
N GLU B 64 -6.38 19.08 4.15
CA GLU B 64 -7.62 19.84 4.12
C GLU B 64 -8.41 19.56 5.39
N ILE B 65 -8.90 20.61 6.04
CA ILE B 65 -9.55 20.49 7.34
C ILE B 65 -10.71 21.47 7.41
N THR B 66 -11.90 20.97 7.74
CA THR B 66 -13.09 21.79 7.96
C THR B 66 -13.58 21.52 9.37
N THR B 67 -13.39 22.48 10.27
CA THR B 67 -13.69 22.26 11.67
C THR B 67 -13.96 23.57 12.37
N SER B 68 -14.73 23.48 13.45
CA SER B 68 -14.82 24.56 14.42
C SER B 68 -13.72 24.50 15.48
N ALA B 69 -12.94 23.42 15.53
CA ALA B 69 -11.89 23.28 16.53
C ALA B 69 -10.80 24.33 16.32
N TRP B 70 -10.06 24.59 17.39
CA TRP B 70 -8.94 25.51 17.39
C TRP B 70 -7.75 24.76 17.99
N VAL B 71 -6.80 24.36 17.14
CA VAL B 71 -5.67 23.53 17.55
C VAL B 71 -4.36 24.23 17.20
N ASP B 72 -3.31 23.88 17.96
CA ASP B 72 -1.95 24.39 17.78
C ASP B 72 -1.13 23.33 17.05
N ILE B 73 -1.01 23.48 15.73
CA ILE B 73 -0.31 22.48 14.91
C ILE B 73 1.12 22.30 15.38
N GLU B 74 1.81 23.41 15.68
CA GLU B 74 3.22 23.30 16.07
C GLU B 74 3.38 22.54 17.38
N GLU B 75 2.57 22.87 18.39
CA GLU B 75 2.71 22.21 19.68
C GLU B 75 2.31 20.74 19.60
N ILE B 76 1.28 20.42 18.84
CA ILE B 76 0.88 19.03 18.66
C ILE B 76 2.01 18.23 18.03
N THR B 77 2.68 18.83 17.05
CA THR B 77 3.78 18.16 16.37
C THR B 77 4.95 17.92 17.33
N ARG B 78 5.37 18.96 18.05
CA ARG B 78 6.54 18.82 18.92
C ARG B 78 6.30 17.78 20.01
N ASN B 79 5.10 17.76 20.59
CA ASN B 79 4.79 16.78 21.63
C ASN B 79 4.86 15.36 21.10
N THR B 80 4.29 15.12 19.92
CA THR B 80 4.33 13.78 19.33
C THR B 80 5.76 13.32 19.11
N VAL B 81 6.62 14.20 18.57
CA VAL B 81 8.00 13.80 18.33
C VAL B 81 8.74 13.64 19.65
N ARG B 82 8.45 14.51 20.62
CA ARG B 82 9.00 14.34 21.96
C ARG B 82 8.71 12.94 22.50
N GLU B 83 7.44 12.52 22.45
CA GLU B 83 7.09 11.23 23.06
C GLU B 83 7.73 10.07 22.31
N ILE B 84 7.95 10.22 21.01
CA ILE B 84 8.64 9.18 20.24
C ILE B 84 10.08 9.02 20.72
N GLY B 85 10.74 10.13 21.04
CA GLY B 85 12.07 10.05 21.63
C GLY B 85 13.13 10.91 20.97
N TYR B 86 12.78 11.64 19.91
CA TYR B 86 13.74 12.48 19.20
C TYR B 86 13.79 13.86 19.84
N VAL B 87 14.72 14.04 20.78
CA VAL B 87 14.76 15.27 21.56
C VAL B 87 16.19 15.84 21.65
N HIS B 88 17.05 15.47 20.70
CA HIS B 88 18.43 15.90 20.74
C HIS B 88 19.06 15.73 19.37
N SER B 89 19.90 16.69 18.98
CA SER B 89 20.49 16.67 17.65
C SER B 89 21.46 15.51 17.46
N ASP B 90 22.00 14.92 18.53
CA ASP B 90 22.85 13.73 18.38
C ASP B 90 22.09 12.56 17.77
N MET B 91 20.77 12.48 17.99
CA MET B 91 19.96 11.44 17.37
C MET B 91 19.60 11.76 15.92
N GLY B 92 19.99 12.93 15.42
CA GLY B 92 19.66 13.34 14.08
C GLY B 92 18.38 14.12 13.94
N PHE B 93 17.65 14.31 15.04
CA PHE B 93 16.38 15.02 15.00
C PHE B 93 15.98 15.38 16.42
N ASP B 94 15.49 16.61 16.58
CA ASP B 94 15.10 17.14 17.88
C ASP B 94 13.73 17.80 17.76
N ALA B 95 12.80 17.36 18.62
CA ALA B 95 11.44 17.89 18.61
C ALA B 95 11.37 19.36 19.02
N ASN B 96 12.34 19.84 19.80
CA ASN B 96 12.26 21.18 20.35
C ASN B 96 12.78 22.26 19.41
N SER B 97 13.53 21.88 18.39
CA SER B 97 14.16 22.87 17.52
C SER B 97 13.89 22.64 16.04
N CYS B 98 13.14 21.60 15.67
CA CYS B 98 12.86 21.41 14.26
C CYS B 98 11.90 22.47 13.76
N ALA B 99 11.77 22.55 12.44
CA ALA B 99 10.82 23.45 11.81
C ALA B 99 9.47 22.75 11.64
N VAL B 100 8.39 23.47 11.91
CA VAL B 100 7.05 22.98 11.65
C VAL B 100 6.38 23.97 10.70
N LEU B 101 6.08 23.50 9.49
CA LEU B 101 5.37 24.29 8.50
C LEU B 101 3.97 23.73 8.34
N SER B 102 3.04 24.59 7.92
CA SER B 102 1.67 24.16 7.73
C SER B 102 1.19 24.59 6.35
N ALA B 103 0.55 23.66 5.64
CA ALA B 103 -0.03 23.89 4.31
C ALA B 103 -1.46 23.38 4.27
N ILE B 104 -2.25 23.75 5.27
CA ILE B 104 -3.58 23.18 5.49
C ILE B 104 -4.63 24.10 4.88
N GLY B 105 -5.39 23.57 3.92
CA GLY B 105 -6.49 24.29 3.31
C GLY B 105 -7.83 23.94 3.92
N LYS B 106 -8.90 24.37 3.23
CA LYS B 106 -10.24 24.36 3.81
C LYS B 106 -11.26 23.56 3.00
N GLN B 107 -10.80 22.62 2.16
CA GLN B 107 -11.63 21.71 1.37
C GLN B 107 -12.43 22.43 0.28
N SER B 108 -12.69 21.73 -0.82
CA SER B 108 -13.25 22.37 -2.00
C SER B 108 -14.69 22.83 -1.76
N PRO B 109 -15.12 23.90 -2.44
CA PRO B 109 -16.55 24.20 -2.48
C PRO B 109 -17.36 23.14 -3.20
N ASP B 110 -16.74 22.36 -4.09
CA ASP B 110 -17.43 21.25 -4.73
C ASP B 110 -17.71 20.11 -3.76
N ILE B 111 -16.99 20.04 -2.63
CA ILE B 111 -17.20 18.98 -1.65
C ILE B 111 -18.65 18.95 -1.21
N ASN B 112 -19.25 20.12 -1.00
CA ASN B 112 -20.69 20.29 -0.83
C ASN B 112 -21.20 19.72 0.49
N GLN B 113 -21.86 20.57 1.30
CA GLN B 113 -22.59 20.14 2.48
C GLN B 113 -24.10 20.17 2.25
N GLY B 114 -24.53 20.25 1.00
CA GLY B 114 -25.91 20.04 0.62
C GLY B 114 -26.17 18.59 0.31
N VAL B 115 -27.12 18.36 -0.61
CA VAL B 115 -27.55 17.03 -1.03
C VAL B 115 -27.71 16.14 0.20
N ASP B 116 -28.51 16.61 1.16
CA ASP B 116 -28.58 15.95 2.45
C ASP B 116 -29.57 14.77 2.39
N ARG B 117 -29.71 14.10 3.53
CA ARG B 117 -30.59 12.94 3.65
C ARG B 117 -31.47 13.12 4.86
N ALA B 118 -32.76 12.81 4.71
CA ALA B 118 -33.66 12.78 5.86
C ALA B 118 -33.09 11.89 6.97
N ASP B 119 -32.62 10.69 6.62
CA ASP B 119 -31.91 9.84 7.56
C ASP B 119 -30.41 10.00 7.34
N PRO B 120 -29.66 10.55 8.29
CA PRO B 120 -28.20 10.72 8.09
C PRO B 120 -27.45 9.42 7.80
N LEU B 121 -27.97 8.28 8.27
CA LEU B 121 -27.32 7.00 7.98
C LEU B 121 -27.38 6.63 6.51
N GLU B 122 -28.15 7.35 5.70
CA GLU B 122 -28.28 7.06 4.28
C GLU B 122 -27.39 7.97 3.43
N GLN B 123 -26.52 8.75 4.06
CA GLN B 123 -25.58 9.59 3.32
C GLN B 123 -24.61 8.76 2.49
N GLY B 124 -24.28 9.29 1.30
CA GLY B 124 -23.38 8.60 0.40
C GLY B 124 -21.92 8.70 0.83
N ALA B 125 -21.12 7.75 0.32
CA ALA B 125 -19.69 7.77 0.57
C ALA B 125 -19.05 9.03 0.02
N GLY B 126 -17.97 9.47 0.67
CA GLY B 126 -17.27 10.67 0.23
C GLY B 126 -16.26 10.44 -0.88
N ASP B 127 -15.98 9.18 -1.24
CA ASP B 127 -15.07 8.81 -2.34
C ASP B 127 -15.39 7.37 -2.70
N GLN B 128 -14.89 6.94 -3.86
CA GLN B 128 -14.87 5.53 -4.19
C GLN B 128 -13.70 4.83 -3.48
N GLY B 129 -13.55 3.53 -3.71
CA GLY B 129 -12.40 2.77 -3.26
C GLY B 129 -12.74 1.39 -2.75
N LEU B 130 -11.73 0.59 -2.42
CA LEU B 130 -11.92 -0.76 -1.92
C LEU B 130 -11.12 -0.95 -0.63
N MET B 131 -11.60 -1.84 0.23
CA MET B 131 -11.02 -2.05 1.55
C MET B 131 -11.14 -3.52 1.88
N PHE B 132 -10.18 -4.03 2.67
CA PHE B 132 -10.18 -5.43 3.08
C PHE B 132 -10.12 -5.52 4.59
N GLY B 133 -10.73 -6.58 5.12
CA GLY B 133 -10.56 -6.96 6.50
C GLY B 133 -10.20 -8.42 6.56
N TYR B 134 -9.65 -8.83 7.71
CA TYR B 134 -9.11 -10.19 7.80
C TYR B 134 -9.08 -10.64 9.25
N ALA B 135 -9.26 -11.94 9.45
CA ALA B 135 -9.06 -12.58 10.74
C ALA B 135 -8.68 -14.03 10.53
N THR B 136 -7.99 -14.60 11.52
CA THR B 136 -7.59 -16.00 11.47
C THR B 136 -7.35 -16.47 12.90
N ASN B 137 -7.81 -17.69 13.22
CA ASN B 137 -7.65 -18.19 14.58
C ASN B 137 -6.23 -18.74 14.87
N GLU B 138 -5.20 -18.32 14.12
CA GLU B 138 -3.82 -18.71 14.43
C GLU B 138 -3.36 -18.16 15.77
N THR B 139 -3.89 -17.02 16.19
CA THR B 139 -3.46 -16.36 17.41
C THR B 139 -4.69 -16.05 18.26
N ASP B 140 -4.43 -15.83 19.56
CA ASP B 140 -5.48 -15.52 20.51
C ASP B 140 -6.26 -14.26 20.12
N VAL B 141 -5.60 -13.30 19.50
CA VAL B 141 -6.25 -12.07 19.05
C VAL B 141 -6.73 -12.17 17.60
N LEU B 142 -6.70 -13.36 17.01
CA LEU B 142 -7.30 -13.62 15.71
C LEU B 142 -6.63 -12.84 14.57
N MET B 143 -5.32 -12.63 14.69
CA MET B 143 -4.48 -12.00 13.68
C MET B 143 -3.50 -13.01 13.10
N PRO B 144 -2.97 -12.75 11.89
CA PRO B 144 -1.89 -13.60 11.38
C PRO B 144 -0.67 -13.53 12.28
N ALA B 145 0.00 -14.68 12.42
CA ALA B 145 1.20 -14.74 13.26
C ALA B 145 2.32 -13.82 12.80
N PRO B 146 2.77 -13.83 11.53
CA PRO B 146 4.00 -13.08 11.21
C PRO B 146 3.89 -11.61 11.53
N ILE B 147 2.79 -10.96 11.15
CA ILE B 147 2.63 -9.54 11.46
C ILE B 147 2.47 -9.33 12.97
N THR B 148 1.82 -10.27 13.67
CA THR B 148 1.60 -10.09 15.10
C THR B 148 2.93 -10.09 15.85
N TYR B 149 3.79 -11.04 15.55
CA TYR B 149 5.08 -11.09 16.21
C TYR B 149 6.08 -10.10 15.63
N ALA B 150 5.91 -9.69 14.38
CA ALA B 150 6.73 -8.59 13.88
C ALA B 150 6.41 -7.29 14.62
N HIS B 151 5.12 -7.00 14.78
CA HIS B 151 4.71 -5.88 15.62
C HIS B 151 5.30 -5.99 17.03
N ARG B 152 5.20 -7.18 17.62
CA ARG B 152 5.59 -7.35 19.02
C ARG B 152 7.06 -7.02 19.22
N LEU B 153 7.91 -7.41 18.26
CA LEU B 153 9.36 -7.21 18.39
C LEU B 153 9.72 -5.72 18.38
N VAL B 154 9.17 -4.95 17.43
CA VAL B 154 9.51 -3.53 17.41
C VAL B 154 8.83 -2.77 18.55
N GLN B 155 7.68 -3.27 19.04
CA GLN B 155 7.13 -2.63 20.22
C GLN B 155 7.91 -3.03 21.47
N ARG B 156 8.48 -4.22 21.48
CA ARG B 156 9.37 -4.61 22.58
C ARG B 156 10.64 -3.76 22.58
N GLN B 157 11.15 -3.42 21.40
CA GLN B 157 12.33 -2.57 21.33
C GLN B 157 12.03 -1.18 21.88
N ALA B 158 10.85 -0.64 21.55
CA ALA B 158 10.43 0.61 22.18
C ALA B 158 10.31 0.46 23.68
N GLU B 159 9.72 -0.65 24.14
CA GLU B 159 9.50 -0.84 25.57
C GLU B 159 10.80 -0.76 26.35
N VAL B 160 11.80 -1.54 25.94
CA VAL B 160 13.07 -1.59 26.66
C VAL B 160 13.92 -0.35 26.41
N ARG B 161 13.65 0.40 25.34
CA ARG B 161 14.31 1.69 25.16
C ARG B 161 13.79 2.71 26.16
N LYS B 162 12.46 2.77 26.34
CA LYS B 162 11.85 3.83 27.13
C LYS B 162 11.99 3.61 28.63
N ASN B 163 11.98 2.36 29.10
CA ASN B 163 12.05 2.09 30.54
C ASN B 163 13.47 2.00 31.06
N GLY B 164 14.46 2.25 30.21
CA GLY B 164 15.84 2.29 30.61
C GLY B 164 16.55 0.96 30.69
N THR B 165 15.93 -0.14 30.25
CA THR B 165 16.61 -1.43 30.30
C THR B 165 17.82 -1.42 29.38
N LEU B 166 17.65 -0.95 28.14
CA LEU B 166 18.75 -0.74 27.21
C LEU B 166 18.71 0.72 26.79
N PRO B 167 19.38 1.61 27.52
CA PRO B 167 19.22 3.06 27.24
C PRO B 167 19.93 3.51 25.99
N TRP B 168 20.89 2.73 25.47
CA TRP B 168 21.63 3.09 24.27
C TRP B 168 20.85 2.87 22.98
N LEU B 169 19.63 2.35 23.06
CA LEU B 169 18.76 2.22 21.88
C LEU B 169 18.20 3.57 21.45
N ARG B 170 17.99 3.70 20.15
CA ARG B 170 17.38 4.87 19.54
C ARG B 170 16.07 4.49 18.84
N PRO B 171 15.21 5.47 18.50
CA PRO B 171 13.83 5.11 18.14
C PRO B 171 13.68 4.31 16.85
N ASP B 172 14.46 4.60 15.82
CA ASP B 172 14.26 3.97 14.52
C ASP B 172 14.62 2.48 14.56
N ALA B 173 13.67 1.62 14.15
CA ALA B 173 13.87 0.17 14.21
C ALA B 173 12.93 -0.55 13.24
N LYS B 174 13.36 -1.72 12.76
CA LYS B 174 12.60 -2.55 11.83
C LYS B 174 12.78 -4.01 12.21
N SER B 175 11.71 -4.80 12.05
CA SER B 175 11.79 -6.23 12.32
C SER B 175 11.18 -6.99 11.15
N GLN B 176 11.55 -8.27 11.03
CA GLN B 176 10.96 -9.08 9.97
C GLN B 176 10.97 -10.54 10.42
N VAL B 177 9.84 -11.23 10.23
CA VAL B 177 9.71 -12.61 10.70
C VAL B 177 9.19 -13.48 9.57
N THR B 178 9.90 -14.58 9.30
CA THR B 178 9.52 -15.59 8.32
C THR B 178 9.06 -16.84 9.06
N PHE B 179 7.78 -17.17 8.89
CA PHE B 179 7.15 -18.34 9.48
C PHE B 179 7.10 -19.47 8.46
N GLN B 180 7.17 -20.70 8.96
CA GLN B 180 6.94 -21.89 8.15
C GLN B 180 5.57 -22.45 8.49
N TYR B 181 4.79 -22.74 7.47
CA TYR B 181 3.47 -23.33 7.62
C TYR B 181 3.46 -24.72 7.00
N ASP B 182 2.76 -25.64 7.65
CA ASP B 182 2.55 -26.99 7.13
C ASP B 182 1.05 -27.24 7.14
N ASP B 183 0.43 -27.06 5.97
CA ASP B 183 -1.00 -27.37 5.79
C ASP B 183 -1.86 -26.53 6.74
N GLY B 184 -1.69 -25.21 6.68
CA GLY B 184 -2.51 -24.26 7.39
C GLY B 184 -2.04 -23.92 8.79
N LYS B 185 -1.33 -24.81 9.47
CA LYS B 185 -0.92 -24.60 10.85
C LYS B 185 0.54 -24.17 10.94
N ILE B 186 0.87 -23.49 12.02
CA ILE B 186 2.21 -22.96 12.24
C ILE B 186 3.12 -24.06 12.73
N VAL B 187 4.22 -24.29 12.03
CA VAL B 187 5.24 -25.25 12.46
C VAL B 187 6.41 -24.55 13.17
N GLY B 188 6.80 -23.37 12.71
CA GLY B 188 7.91 -22.68 13.37
C GLY B 188 8.30 -21.40 12.66
N ILE B 189 9.44 -20.87 13.09
CA ILE B 189 9.98 -19.59 12.62
C ILE B 189 11.30 -19.86 11.88
N ASP B 190 11.35 -19.47 10.60
CA ASP B 190 12.50 -19.77 9.76
C ASP B 190 13.57 -18.69 9.78
N ALA B 191 13.19 -17.43 9.96
CA ALA B 191 14.16 -16.34 9.96
C ALA B 191 13.59 -15.15 10.71
N VAL B 192 14.44 -14.48 11.48
CA VAL B 192 14.10 -13.29 12.25
C VAL B 192 15.10 -12.20 11.90
N VAL B 193 14.60 -11.01 11.56
CA VAL B 193 15.45 -9.86 11.28
C VAL B 193 15.10 -8.77 12.29
N LEU B 194 16.12 -8.17 12.89
CA LEU B 194 15.91 -7.08 13.85
C LEU B 194 17.03 -6.07 13.65
N SER B 195 16.70 -4.91 13.09
CA SER B 195 17.64 -3.81 12.92
C SER B 195 17.20 -2.66 13.82
N THR B 196 18.08 -2.22 14.71
CA THR B 196 17.74 -1.13 15.61
C THR B 196 18.80 -0.04 15.60
N GLN B 197 18.36 1.21 15.58
CA GLN B 197 19.27 2.34 15.77
C GLN B 197 19.78 2.36 17.21
N HIS B 198 20.96 2.93 17.38
CA HIS B 198 21.65 2.92 18.66
C HIS B 198 22.57 4.12 18.74
N SER B 199 23.17 4.31 19.91
CA SER B 199 24.15 5.37 20.14
C SER B 199 25.57 4.82 19.97
N GLU B 200 26.54 5.74 20.02
CA GLU B 200 27.94 5.36 19.83
C GLU B 200 28.48 4.52 21.00
N GLU B 201 27.80 4.51 22.14
CA GLU B 201 28.27 3.89 23.37
C GLU B 201 28.11 2.36 23.39
N ILE B 202 28.00 1.68 22.25
CA ILE B 202 27.82 0.23 22.26
C ILE B 202 28.42 -0.33 20.97
N ASP B 203 29.12 -1.45 21.10
CA ASP B 203 29.63 -2.16 19.94
C ASP B 203 28.61 -3.21 19.47
N GLN B 204 28.87 -3.78 18.29
CA GLN B 204 27.85 -4.60 17.62
C GLN B 204 27.71 -5.97 18.27
N LYS B 205 28.78 -6.52 18.84
CA LYS B 205 28.66 -7.80 19.53
C LYS B 205 27.84 -7.67 20.80
N SER B 206 28.10 -6.64 21.61
CA SER B 206 27.26 -6.36 22.77
C SER B 206 25.83 -6.06 22.35
N LEU B 207 25.66 -5.35 21.23
CA LEU B 207 24.33 -5.07 20.72
C LEU B 207 23.58 -6.36 20.43
N GLN B 208 24.20 -7.26 19.65
CA GLN B 208 23.48 -8.45 19.20
C GLN B 208 23.12 -9.35 20.38
N GLU B 209 24.01 -9.47 21.36
CA GLU B 209 23.69 -10.24 22.56
C GLU B 209 22.55 -9.57 23.34
N ALA B 210 22.57 -8.25 23.44
CA ALA B 210 21.51 -7.56 24.18
C ALA B 210 20.18 -7.64 23.45
N VAL B 211 20.18 -7.58 22.11
CA VAL B 211 18.95 -7.69 21.35
C VAL B 211 18.32 -9.08 21.52
N MET B 212 19.14 -10.13 21.47
CA MET B 212 18.62 -11.49 21.61
C MET B 212 18.03 -11.73 22.99
N GLU B 213 18.69 -11.23 24.04
CA GLU B 213 18.24 -11.48 25.41
C GLU B 213 17.06 -10.59 25.82
N GLU B 214 17.06 -9.32 25.43
CA GLU B 214 16.03 -8.40 25.91
C GLU B 214 14.83 -8.25 24.97
N ILE B 215 15.00 -8.49 23.68
CA ILE B 215 13.96 -8.26 22.70
C ILE B 215 13.44 -9.56 22.11
N ILE B 216 14.32 -10.37 21.50
CA ILE B 216 13.87 -11.49 20.69
C ILE B 216 13.34 -12.62 21.57
N LYS B 217 14.12 -13.01 22.58
CA LYS B 217 13.74 -14.15 23.41
C LYS B 217 12.48 -13.92 24.26
N PRO B 218 12.25 -12.71 24.81
CA PRO B 218 10.98 -12.50 25.54
C PRO B 218 9.74 -12.42 24.66
N ILE B 219 9.86 -12.47 23.34
CA ILE B 219 8.74 -12.23 22.44
C ILE B 219 8.37 -13.49 21.64
N LEU B 220 9.36 -14.19 21.11
CA LEU B 220 9.09 -15.34 20.25
C LEU B 220 9.08 -16.64 21.07
N PRO B 221 7.99 -17.42 20.99
CA PRO B 221 7.92 -18.68 21.76
C PRO B 221 9.06 -19.64 21.42
N ALA B 222 9.72 -20.16 22.46
CA ALA B 222 10.89 -21.00 22.26
C ALA B 222 10.55 -22.23 21.43
N GLU B 223 9.29 -22.68 21.48
CA GLU B 223 8.87 -23.86 20.72
C GLU B 223 8.96 -23.65 19.21
N TRP B 224 8.92 -22.39 18.74
CA TRP B 224 9.03 -22.07 17.33
C TRP B 224 10.46 -21.73 16.92
N LEU B 225 11.41 -21.80 17.84
CA LEU B 225 12.81 -21.50 17.56
C LEU B 225 13.62 -22.78 17.65
N THR B 226 14.28 -23.15 16.56
CA THR B 226 15.13 -24.32 16.48
C THR B 226 16.52 -23.91 16.01
N SER B 227 17.37 -24.90 15.77
CA SER B 227 18.73 -24.67 15.29
C SER B 227 18.77 -24.16 13.85
N ALA B 228 17.68 -24.33 13.11
CA ALA B 228 17.58 -23.89 11.72
C ALA B 228 17.10 -22.45 11.59
N THR B 229 16.73 -21.78 12.68
CA THR B 229 16.21 -20.42 12.59
C THR B 229 17.36 -19.45 12.35
N LYS B 230 17.28 -18.68 11.27
N LYS B 230 17.27 -18.68 11.27
CA LYS B 230 18.27 -17.66 10.98
CA LYS B 230 18.26 -17.65 10.98
C LYS B 230 17.94 -16.38 11.75
C LYS B 230 17.94 -16.38 11.76
N PHE B 231 18.97 -15.78 12.36
CA PHE B 231 18.82 -14.53 13.11
C PHE B 231 19.74 -13.48 12.50
N PHE B 232 19.18 -12.39 12.01
CA PHE B 232 19.93 -11.29 11.40
C PHE B 232 19.68 -10.04 12.24
N ILE B 233 20.59 -9.74 13.17
CA ILE B 233 20.46 -8.62 14.09
C ILE B 233 21.49 -7.56 13.69
N ASN B 234 21.01 -6.39 13.28
CA ASN B 234 21.84 -5.33 12.69
C ASN B 234 22.81 -5.95 11.67
N PRO B 235 22.29 -6.54 10.59
CA PRO B 235 23.15 -7.33 9.68
C PRO B 235 24.11 -6.50 8.84
N THR B 236 24.00 -5.18 8.84
CA THR B 236 24.98 -4.33 8.17
C THR B 236 25.89 -3.58 9.14
N GLY B 237 25.80 -3.84 10.43
CA GLY B 237 26.67 -3.19 11.40
C GLY B 237 26.03 -1.97 12.04
N ARG B 238 26.79 -0.87 12.12
CA ARG B 238 26.38 0.31 12.87
C ARG B 238 25.10 0.92 12.30
N PHE B 239 24.22 1.36 13.21
CA PHE B 239 22.94 2.01 12.88
C PHE B 239 22.84 3.20 13.84
N VAL B 240 23.58 4.27 13.51
CA VAL B 240 23.66 5.46 14.36
C VAL B 240 22.80 6.58 13.79
N ILE B 241 22.91 6.83 12.49
CA ILE B 241 22.04 7.78 11.79
C ILE B 241 20.72 7.10 11.46
N GLY B 242 19.62 7.68 11.91
CA GLY B 242 18.31 7.13 11.65
C GLY B 242 17.23 8.20 11.72
N GLY B 243 15.99 7.76 11.73
CA GLY B 243 14.87 8.66 11.82
C GLY B 243 14.73 9.51 10.57
N PRO B 244 14.20 10.73 10.72
CA PRO B 244 14.09 11.62 9.55
C PRO B 244 15.43 12.05 8.98
N MET B 245 16.51 11.95 9.76
CA MET B 245 17.82 12.38 9.29
C MET B 245 18.24 11.62 8.03
N GLY B 246 18.07 10.31 8.03
CA GLY B 246 18.51 9.50 6.91
C GLY B 246 17.45 9.10 5.92
N ASP B 247 16.19 9.49 6.13
CA ASP B 247 15.14 9.05 5.22
C ASP B 247 13.95 9.99 5.31
N CYS B 248 13.22 10.09 4.20
N CYS B 248 13.19 10.05 4.22
CA CYS B 248 11.94 10.79 4.19
CA CYS B 248 11.97 10.83 4.19
C CYS B 248 10.89 9.96 4.89
C CYS B 248 10.81 10.01 4.75
N GLY B 249 9.97 10.65 5.56
CA GLY B 249 8.80 10.00 6.10
C GLY B 249 7.53 10.69 5.63
N LEU B 250 6.54 9.90 5.22
CA LEU B 250 5.28 10.38 4.67
C LEU B 250 4.14 9.61 5.29
N THR B 251 3.05 10.32 5.58
CA THR B 251 1.81 9.66 5.97
C THR B 251 1.40 8.65 4.91
N GLY B 252 1.03 7.45 5.35
CA GLY B 252 0.44 6.48 4.44
C GLY B 252 1.41 5.64 3.64
N ARG B 253 2.65 5.51 4.09
CA ARG B 253 3.63 4.70 3.38
C ARG B 253 3.97 3.42 4.13
N LYS B 254 3.12 3.00 5.07
CA LYS B 254 3.27 1.77 5.83
C LYS B 254 1.90 1.10 6.00
N ILE B 255 1.13 1.02 4.91
CA ILE B 255 -0.25 0.57 5.03
C ILE B 255 -0.32 -0.94 5.20
N ILE B 256 0.72 -1.67 4.78
CA ILE B 256 0.76 -3.11 4.93
C ILE B 256 1.19 -3.49 6.35
N VAL B 257 2.17 -2.73 6.88
CA VAL B 257 2.53 -2.81 8.29
C VAL B 257 1.33 -2.48 9.17
N ASP B 258 0.52 -1.50 8.75
CA ASP B 258 -0.63 -1.05 9.53
C ASP B 258 -1.73 -2.10 9.61
N THR B 259 -1.80 -3.05 8.67
CA THR B 259 -2.94 -3.94 8.58
C THR B 259 -2.47 -5.35 8.90
N TYR B 260 -2.16 -6.19 7.91
CA TYR B 260 -1.98 -7.62 8.18
C TYR B 260 -0.63 -8.15 7.68
N GLY B 261 0.33 -7.27 7.40
CA GLY B 261 1.67 -7.72 7.07
C GLY B 261 1.82 -8.48 5.77
N GLY B 262 0.85 -8.37 4.86
CA GLY B 262 0.87 -9.07 3.61
C GLY B 262 0.01 -10.31 3.57
N MET B 263 -0.34 -10.87 4.74
CA MET B 263 -1.16 -12.07 4.75
C MET B 263 -2.48 -11.85 4.04
N ALA B 264 -3.06 -10.67 4.21
CA ALA B 264 -4.32 -10.27 3.59
C ALA B 264 -4.06 -9.24 2.51
N ARG B 265 -4.99 -9.14 1.58
CA ARG B 265 -4.90 -8.13 0.53
C ARG B 265 -5.22 -6.76 1.13
N HIS B 266 -5.08 -5.72 0.30
CA HIS B 266 -5.23 -4.35 0.74
C HIS B 266 -5.84 -3.55 -0.41
N GLY B 267 -6.65 -2.56 -0.07
CA GLY B 267 -7.34 -1.75 -1.07
C GLY B 267 -6.55 -0.52 -1.47
N GLY B 268 -5.56 -0.16 -0.66
CA GLY B 268 -4.63 0.90 -1.02
C GLY B 268 -4.77 2.18 -0.25
N GLY B 269 -5.85 2.37 0.50
CA GLY B 269 -6.04 3.61 1.23
C GLY B 269 -5.28 3.64 2.55
N ALA B 270 -4.62 4.76 2.80
CA ALA B 270 -4.00 5.06 4.09
C ALA B 270 -5.06 5.36 5.13
N PHE B 271 -4.67 5.20 6.40
CA PHE B 271 -5.53 5.42 7.56
C PHE B 271 -5.28 6.77 8.23
N SER B 272 -4.02 7.12 8.47
CA SER B 272 -3.73 8.17 9.44
C SER B 272 -4.02 9.55 8.85
N GLY B 273 -4.47 10.45 9.73
CA GLY B 273 -4.85 11.79 9.35
C GLY B 273 -6.24 11.90 8.76
N LYS B 274 -6.99 10.81 8.70
CA LYS B 274 -8.32 10.79 8.10
C LYS B 274 -9.39 10.65 9.19
N ASP B 275 -10.36 11.54 9.19
CA ASP B 275 -11.45 11.48 10.14
C ASP B 275 -12.35 10.30 9.80
N PRO B 276 -13.21 9.87 10.74
CA PRO B 276 -13.95 8.61 10.54
C PRO B 276 -14.95 8.62 9.38
N SER B 277 -15.23 9.77 8.74
CA SER B 277 -16.11 9.77 7.58
C SER B 277 -15.41 9.34 6.30
N LYS B 278 -14.10 9.07 6.35
CA LYS B 278 -13.36 8.54 5.21
C LYS B 278 -13.48 7.02 5.23
N VAL B 279 -14.17 6.45 4.24
CA VAL B 279 -14.35 5.00 4.20
C VAL B 279 -13.03 4.25 4.07
N ASP B 280 -11.99 4.89 3.54
CA ASP B 280 -10.66 4.28 3.50
C ASP B 280 -10.27 3.72 4.86
N ARG B 281 -10.60 4.45 5.92
CA ARG B 281 -10.28 4.07 7.29
C ARG B 281 -11.43 3.34 7.98
N SER B 282 -12.64 3.91 7.96
CA SER B 282 -13.74 3.35 8.76
C SER B 282 -14.21 2.01 8.21
N ALA B 283 -14.25 1.88 6.88
CA ALA B 283 -14.70 0.62 6.29
C ALA B 283 -13.64 -0.48 6.45
N ALA B 284 -12.36 -0.11 6.44
CA ALA B 284 -11.35 -1.11 6.78
C ALA B 284 -11.47 -1.53 8.23
N TYR B 285 -11.75 -0.59 9.14
CA TYR B 285 -11.97 -0.95 10.53
C TYR B 285 -13.20 -1.84 10.67
N ALA B 286 -14.24 -1.56 9.89
CA ALA B 286 -15.44 -2.38 9.98
C ALA B 286 -15.23 -3.75 9.35
N ALA B 287 -14.43 -3.80 8.27
CA ALA B 287 -14.13 -5.08 7.64
C ALA B 287 -13.35 -5.99 8.57
N ARG B 288 -12.42 -5.43 9.34
CA ARG B 288 -11.79 -6.18 10.43
C ARG B 288 -12.83 -6.64 11.45
N TYR B 289 -13.78 -5.77 11.77
CA TYR B 289 -14.80 -6.08 12.76
C TYR B 289 -15.65 -7.27 12.33
N VAL B 290 -16.02 -7.35 11.05
CA VAL B 290 -16.86 -8.49 10.68
C VAL B 290 -16.03 -9.76 10.56
N ALA B 291 -14.81 -9.66 9.99
CA ALA B 291 -13.99 -10.86 9.85
C ALA B 291 -13.65 -11.45 11.21
N LYS B 292 -13.28 -10.60 12.18
CA LYS B 292 -12.99 -11.08 13.52
C LYS B 292 -14.21 -11.74 14.16
N ASN B 293 -15.41 -11.16 13.96
CA ASN B 293 -16.60 -11.74 14.57
C ASN B 293 -17.02 -13.03 13.87
N ILE B 294 -16.76 -13.14 12.57
CA ILE B 294 -17.04 -14.38 11.86
C ILE B 294 -16.16 -15.51 12.38
N VAL B 295 -14.89 -15.23 12.63
CA VAL B 295 -13.97 -16.26 13.13
C VAL B 295 -14.22 -16.53 14.61
N ALA B 296 -14.44 -15.48 15.40
CA ALA B 296 -14.76 -15.69 16.82
C ALA B 296 -16.07 -16.44 17.00
N ALA B 297 -17.02 -16.28 16.08
CA ALA B 297 -18.26 -17.06 16.17
C ALA B 297 -18.05 -18.52 15.80
N GLY B 298 -16.84 -18.91 15.39
CA GLY B 298 -16.60 -20.27 14.94
C GLY B 298 -17.23 -20.59 13.60
N LEU B 299 -17.46 -19.58 12.75
CA LEU B 299 -18.04 -19.81 11.43
C LEU B 299 -16.98 -20.02 10.35
N ALA B 300 -15.72 -19.73 10.65
CA ALA B 300 -14.59 -20.01 9.77
C ALA B 300 -13.32 -19.94 10.60
N ASP B 301 -12.26 -20.56 10.08
CA ASP B 301 -10.92 -20.48 10.68
C ASP B 301 -10.14 -19.24 10.23
N ARG B 302 -10.29 -18.86 8.97
CA ARG B 302 -9.74 -17.59 8.48
C ARG B 302 -10.74 -16.98 7.51
N CYS B 303 -10.84 -15.67 7.55
CA CYS B 303 -11.88 -14.98 6.80
C CYS B 303 -11.35 -13.66 6.29
N GLU B 304 -11.53 -13.41 4.99
CA GLU B 304 -11.17 -12.15 4.37
C GLU B 304 -12.41 -11.53 3.75
N ILE B 305 -12.55 -10.21 3.91
CA ILE B 305 -13.72 -9.46 3.44
C ILE B 305 -13.23 -8.33 2.54
N GLN B 306 -13.81 -8.21 1.34
CA GLN B 306 -13.63 -7.01 0.54
C GLN B 306 -14.93 -6.22 0.47
N VAL B 307 -14.83 -4.91 0.69
CA VAL B 307 -15.94 -4.00 0.41
C VAL B 307 -15.42 -2.88 -0.47
N SER B 308 -16.33 -2.30 -1.26
CA SER B 308 -16.01 -1.17 -2.12
C SER B 308 -17.17 -0.19 -2.11
N TYR B 309 -16.87 1.05 -2.51
CA TYR B 309 -17.83 2.13 -2.48
C TYR B 309 -17.75 2.92 -3.77
N ALA B 310 -18.84 3.63 -4.07
CA ALA B 310 -18.89 4.66 -5.10
C ALA B 310 -19.21 5.99 -4.42
N ILE B 311 -18.55 7.07 -4.86
CA ILE B 311 -18.83 8.38 -4.27
C ILE B 311 -20.31 8.72 -4.47
N GLY B 312 -20.93 9.26 -3.43
CA GLY B 312 -22.35 9.59 -3.46
C GLY B 312 -23.29 8.43 -3.21
N VAL B 313 -22.79 7.22 -2.97
CA VAL B 313 -23.62 6.04 -2.77
C VAL B 313 -23.41 5.53 -1.35
N ALA B 314 -24.52 5.20 -0.66
CA ALA B 314 -24.43 4.74 0.72
C ALA B 314 -24.13 3.25 0.82
N GLU B 315 -24.83 2.41 0.06
CA GLU B 315 -24.55 0.98 0.13
C GLU B 315 -23.21 0.68 -0.54
N PRO B 316 -22.42 -0.24 0.03
CA PRO B 316 -21.23 -0.72 -0.67
C PRO B 316 -21.58 -1.19 -2.08
N THR B 317 -20.71 -0.88 -3.04
CA THR B 317 -20.92 -1.40 -4.39
C THR B 317 -20.60 -2.88 -4.50
N SER B 318 -19.89 -3.46 -3.54
CA SER B 318 -19.61 -4.89 -3.55
C SER B 318 -19.22 -5.34 -2.15
N ILE B 319 -19.58 -6.58 -1.84
CA ILE B 319 -19.18 -7.24 -0.60
C ILE B 319 -18.78 -8.65 -0.97
N MET B 320 -17.59 -9.07 -0.54
CA MET B 320 -17.11 -10.41 -0.84
C MET B 320 -16.51 -11.00 0.43
N VAL B 321 -16.90 -12.24 0.76
CA VAL B 321 -16.31 -12.97 1.88
C VAL B 321 -15.58 -14.19 1.33
N GLU B 322 -14.31 -14.30 1.71
CA GLU B 322 -13.44 -15.42 1.34
C GLU B 322 -13.04 -16.13 2.62
N THR B 323 -13.31 -17.44 2.68
CA THR B 323 -13.03 -18.23 3.86
C THR B 323 -11.97 -19.30 3.63
N PHE B 324 -11.41 -19.39 2.42
CA PHE B 324 -10.30 -20.29 2.13
C PHE B 324 -10.64 -21.74 2.51
N GLY B 325 -11.86 -22.17 2.24
CA GLY B 325 -12.23 -23.54 2.54
C GLY B 325 -12.40 -23.86 4.01
N THR B 326 -12.29 -22.87 4.90
CA THR B 326 -12.40 -23.12 6.34
C THR B 326 -13.79 -22.81 6.89
N GLU B 327 -14.76 -22.48 6.05
CA GLU B 327 -16.08 -22.10 6.57
C GLU B 327 -16.78 -23.31 7.18
N LYS B 328 -17.61 -23.06 8.19
CA LYS B 328 -18.44 -24.09 8.79
C LYS B 328 -19.89 -23.98 8.35
N VAL B 329 -20.22 -22.96 7.56
CA VAL B 329 -21.51 -22.84 6.88
C VAL B 329 -21.24 -22.36 5.46
N PRO B 330 -22.19 -22.58 4.54
CA PRO B 330 -21.98 -22.13 3.16
C PRO B 330 -21.57 -20.66 3.09
N SER B 331 -20.58 -20.38 2.24
N SER B 331 -20.60 -20.37 2.23
CA SER B 331 -20.03 -19.03 2.15
CA SER B 331 -20.04 -19.02 2.19
C SER B 331 -21.07 -18.02 1.69
C SER B 331 -21.07 -18.01 1.67
N GLU B 332 -21.99 -18.45 0.81
CA GLU B 332 -23.05 -17.56 0.38
C GLU B 332 -23.97 -17.20 1.54
N GLN B 333 -24.13 -18.11 2.50
CA GLN B 333 -24.87 -17.80 3.71
C GLN B 333 -24.14 -16.77 4.58
N LEU B 334 -22.80 -16.82 4.59
CA LEU B 334 -22.03 -15.85 5.37
C LEU B 334 -22.15 -14.45 4.78
N THR B 335 -22.22 -14.35 3.45
CA THR B 335 -22.35 -13.04 2.83
C THR B 335 -23.66 -12.37 3.23
N LEU B 336 -24.75 -13.14 3.27
CA LEU B 336 -26.03 -12.59 3.69
C LEU B 336 -25.98 -12.12 5.14
N LEU B 337 -25.42 -12.94 6.04
CA LEU B 337 -25.29 -12.55 7.44
C LEU B 337 -24.52 -11.24 7.58
N VAL B 338 -23.45 -11.07 6.80
CA VAL B 338 -22.66 -9.85 6.90
C VAL B 338 -23.49 -8.64 6.47
N ARG B 339 -24.28 -8.79 5.39
CA ARG B 339 -25.04 -7.65 4.88
C ARG B 339 -26.10 -7.19 5.88
N GLU B 340 -26.64 -8.11 6.67
CA GLU B 340 -27.72 -7.77 7.58
C GLU B 340 -27.28 -7.52 9.01
N PHE B 341 -26.25 -8.20 9.51
CA PHE B 341 -25.89 -7.96 10.91
C PHE B 341 -24.98 -6.76 11.09
N PHE B 342 -24.42 -6.23 10.02
CA PHE B 342 -23.51 -5.09 10.08
C PHE B 342 -24.04 -3.97 9.20
N ASP B 343 -23.87 -2.73 9.68
CA ASP B 343 -24.22 -1.54 8.91
C ASP B 343 -22.93 -1.05 8.26
N LEU B 344 -22.76 -1.35 6.97
CA LEU B 344 -21.58 -0.93 6.24
C LEU B 344 -21.76 0.40 5.49
N ARG B 345 -22.89 1.10 5.70
CA ARG B 345 -23.00 2.43 5.12
C ARG B 345 -22.07 3.40 5.85
N PRO B 346 -21.49 4.37 5.12
CA PRO B 346 -20.49 5.27 5.73
C PRO B 346 -20.82 5.78 7.12
N TYR B 347 -21.98 6.41 7.31
CA TYR B 347 -22.29 6.93 8.64
C TYR B 347 -22.86 5.85 9.55
N GLY B 348 -23.40 4.77 8.98
CA GLY B 348 -23.72 3.60 9.79
C GLY B 348 -22.50 3.01 10.47
N LEU B 349 -21.37 2.91 9.74
CA LEU B 349 -20.09 2.48 10.32
C LEU B 349 -19.76 3.29 11.56
N ILE B 350 -19.88 4.61 11.45
CA ILE B 350 -19.51 5.51 12.54
C ILE B 350 -20.31 5.19 13.79
N GLN B 351 -21.62 4.97 13.65
CA GLN B 351 -22.44 4.68 14.82
C GLN B 351 -22.22 3.26 15.32
N MET B 352 -21.98 2.31 14.42
CA MET B 352 -21.77 0.93 14.84
C MET B 352 -20.47 0.77 15.61
N LEU B 353 -19.44 1.53 15.27
CA LEU B 353 -18.17 1.39 15.95
C LEU B 353 -17.89 2.51 16.93
N ASP B 354 -18.82 3.45 17.10
CA ASP B 354 -18.65 4.58 18.01
C ASP B 354 -17.32 5.31 17.75
N LEU B 355 -17.15 5.80 16.52
CA LEU B 355 -15.85 6.26 16.03
C LEU B 355 -15.56 7.74 16.27
N LEU B 356 -16.51 8.54 16.75
CA LEU B 356 -16.29 9.99 16.84
C LEU B 356 -15.64 10.36 18.18
N HIS B 357 -14.39 9.90 18.33
CA HIS B 357 -13.67 10.13 19.58
C HIS B 357 -12.18 10.22 19.25
N PRO B 358 -11.41 10.91 20.09
CA PRO B 358 -9.95 11.01 19.84
C PRO B 358 -9.19 9.76 20.28
N ILE B 359 -9.32 8.69 19.49
CA ILE B 359 -8.67 7.42 19.77
C ILE B 359 -7.60 7.05 18.75
N TYR B 360 -7.23 7.97 17.84
CA TYR B 360 -6.54 7.49 16.65
C TYR B 360 -5.03 7.57 16.71
N LYS B 361 -4.45 8.50 17.48
CA LYS B 361 -3.00 8.54 17.63
C LYS B 361 -2.45 7.20 18.10
N GLU B 362 -3.17 6.51 19.00
CA GLU B 362 -2.68 5.23 19.47
C GLU B 362 -2.62 4.20 18.34
N THR B 363 -3.45 4.36 17.30
CA THR B 363 -3.44 3.39 16.20
C THR B 363 -2.24 3.55 15.27
N ALA B 364 -1.57 4.70 15.30
CA ALA B 364 -0.65 5.09 14.24
C ALA B 364 0.71 4.42 14.35
N ALA B 365 0.92 3.56 15.34
CA ALA B 365 2.15 2.77 15.44
C ALA B 365 1.81 1.44 16.09
N TYR B 366 2.46 0.37 15.62
CA TYR B 366 2.36 -1.02 16.10
C TYR B 366 1.08 -1.73 15.65
N GLY B 367 0.32 -1.17 14.72
CA GLY B 367 -0.79 -1.87 14.09
C GLY B 367 -2.13 -1.29 14.47
N HIS B 368 -3.02 -1.17 13.48
CA HIS B 368 -4.39 -0.77 13.79
C HIS B 368 -5.23 -1.95 14.28
N PHE B 369 -4.74 -3.17 14.10
CA PHE B 369 -5.51 -4.37 14.41
C PHE B 369 -4.73 -5.27 15.37
N GLY B 370 -5.47 -6.03 16.17
CA GLY B 370 -4.86 -6.95 17.10
C GLY B 370 -4.86 -6.50 18.55
N ARG B 371 -5.13 -5.22 18.82
CA ARG B 371 -5.20 -4.69 20.18
C ARG B 371 -6.66 -4.49 20.55
N GLU B 372 -7.10 -5.17 21.61
CA GLU B 372 -8.51 -5.48 21.77
C GLU B 372 -9.29 -4.45 22.57
N HIS B 373 -8.68 -3.31 22.91
CA HIS B 373 -9.44 -2.20 23.46
C HIS B 373 -9.96 -1.24 22.37
N PHE B 374 -9.55 -1.44 21.11
CA PHE B 374 -10.13 -0.70 19.98
C PHE B 374 -11.56 -1.18 19.71
N PRO B 375 -12.45 -0.27 19.29
CA PRO B 375 -13.86 -0.67 19.10
C PRO B 375 -14.06 -1.76 18.07
N TRP B 376 -13.30 -1.72 16.98
CA TRP B 376 -13.41 -2.71 15.91
C TRP B 376 -12.75 -4.03 16.25
N GLU B 377 -12.17 -4.18 17.43
CA GLU B 377 -11.66 -5.47 17.87
C GLU B 377 -12.62 -6.18 18.83
N LYS B 378 -13.69 -5.49 19.27
CA LYS B 378 -14.67 -6.12 20.14
C LYS B 378 -15.37 -7.26 19.41
N THR B 379 -15.64 -8.33 20.13
CA THR B 379 -16.25 -9.49 19.49
C THR B 379 -17.68 -9.71 20.03
N ASP B 380 -18.47 -8.62 20.07
CA ASP B 380 -19.78 -8.62 20.72
C ASP B 380 -20.91 -9.10 19.81
N LYS B 381 -20.63 -9.48 18.57
CA LYS B 381 -21.63 -10.04 17.68
C LYS B 381 -21.38 -11.51 17.39
N ALA B 382 -20.39 -12.11 18.07
CA ALA B 382 -19.99 -13.47 17.73
C ALA B 382 -21.10 -14.47 18.04
N GLN B 383 -21.67 -14.39 19.24
CA GLN B 383 -22.72 -15.34 19.61
C GLN B 383 -23.97 -15.12 18.78
N LEU B 384 -24.29 -13.85 18.45
CA LEU B 384 -25.42 -13.56 17.58
C LEU B 384 -25.22 -14.16 16.20
N LEU B 385 -24.06 -13.94 15.60
CA LEU B 385 -23.77 -14.54 14.30
C LEU B 385 -23.86 -16.05 14.36
N ARG B 386 -23.37 -16.65 15.45
CA ARG B 386 -23.40 -18.10 15.55
C ARG B 386 -24.84 -18.59 15.70
N ASP B 387 -25.67 -17.87 16.46
CA ASP B 387 -27.09 -18.22 16.54
C ASP B 387 -27.77 -18.10 15.18
N ALA B 388 -27.59 -16.97 14.48
CA ALA B 388 -28.27 -16.78 13.20
C ALA B 388 -27.83 -17.79 12.15
N ALA B 389 -26.61 -18.30 12.24
CA ALA B 389 -26.19 -19.34 11.33
C ALA B 389 -26.65 -20.73 11.76
N GLY B 390 -27.20 -20.85 12.97
CA GLY B 390 -27.72 -22.11 13.46
C GLY B 390 -26.67 -23.09 13.93
N LEU B 391 -25.89 -22.71 14.94
CA LEU B 391 -24.88 -23.61 15.47
C LEU B 391 -24.91 -23.64 17.00
P1 POP C . -7.63 9.32 -3.14
O1 POP C . -7.97 7.87 -2.82
O2 POP C . -8.38 9.76 -4.36
O3 POP C . -6.16 9.53 -3.35
O POP C . -8.07 10.26 -1.95
P2 POP C . -7.39 10.21 -0.51
O4 POP C . -8.15 11.12 0.41
O5 POP C . -7.42 8.76 -0.07
O6 POP C . -5.99 10.81 -0.60
P PO4 D . -4.82 7.27 -0.44
O1 PO4 D . -4.93 7.51 1.05
O2 PO4 D . -3.71 6.25 -0.64
O3 PO4 D . -4.45 8.52 -1.20
O4 PO4 D . -6.15 6.76 -0.98
P PO4 E . -10.70 13.19 -6.43
O1 PO4 E . -12.17 13.50 -6.68
O2 PO4 E . -9.94 14.47 -6.18
O3 PO4 E . -10.60 12.28 -5.23
O4 PO4 E . -10.10 12.52 -7.65
P PO4 F . 21.40 -18.18 -7.80
O1 PO4 F . 20.34 -17.51 -6.95
O2 PO4 F . 21.53 -17.49 -9.13
O3 PO4 F . 21.02 -19.63 -8.03
O4 PO4 F . 22.71 -18.11 -7.06
MG MG G . -4.77 10.31 -2.02
MG MG H . 9.98 -1.21 2.42
C1 EDO I . -24.19 -0.29 -22.97
O1 EDO I . -25.21 0.56 -22.39
C2 EDO I . -24.77 -1.67 -23.28
O2 EDO I . -25.45 -2.20 -22.13
C1 EDO J . -13.81 -4.03 -26.25
O1 EDO J . -13.94 -5.43 -26.56
C2 EDO J . -14.32 -3.19 -27.42
O2 EDO J . -15.75 -3.17 -27.44
P1 POP K . 11.84 3.05 1.66
O1 POP K . 11.11 4.35 1.82
O2 POP K . 10.98 1.99 1.00
O3 POP K . 13.09 3.32 0.84
O POP K . 12.28 2.54 3.11
P2 POP K . 11.21 1.97 4.16
O4 POP K . 10.22 3.07 4.42
O5 POP K . 11.94 1.68 5.45
O6 POP K . 10.55 0.70 3.65
P PO4 L . 7.91 2.45 1.28
O1 PO4 L . 6.40 2.44 1.35
O2 PO4 L . 8.46 1.10 1.70
O3 PO4 L . 8.48 3.51 2.20
O4 PO4 L . 8.28 2.74 -0.16
MG MG M . -8.43 6.20 -1.67
MG MG N . 9.62 4.72 3.41
C1 EDO O . -17.05 19.09 24.50
O1 EDO O . -16.24 18.03 25.04
C2 EDO O . -17.00 19.01 22.98
O2 EDO O . -17.32 17.67 22.56
C1 EDO P . 25.84 17.69 16.85
O1 EDO P . 24.71 17.75 17.71
C2 EDO P . 25.59 16.66 15.76
O2 EDO P . 24.41 17.04 15.03
C1 EDO Q . -18.06 -1.63 19.14
O1 EDO Q . -19.12 -2.54 19.51
C2 EDO Q . -18.43 -0.21 19.54
O2 EDO Q . -17.99 0.09 20.88
#